data_2Y4M
#
_entry.id   2Y4M
#
_cell.length_a   149.500
_cell.length_b   149.500
_cell.length_c   154.321
_cell.angle_alpha   90.00
_cell.angle_beta   90.00
_cell.angle_gamma   120.00
#
_symmetry.space_group_name_H-M   'P 32 2 1'
#
loop_
_entity.id
_entity.type
_entity.pdbx_description
1 polymer 'MANNOSYLGLYCERATE SYNTHASE'
2 non-polymer 'MAGNESIUM ION'
3 non-polymer "GUANOSINE 5'-(TRIHYDROGEN DIPHOSPHATE), P'-D-MANNOPYRANOSYL ESTER"
4 non-polymer 'CHLORIDE ION'
5 non-polymer 1,2-ETHANEDIOL
6 water water
#
_entity_poly.entity_id   1
_entity_poly.type   'polypeptide(L)'
_entity_poly.pdbx_seq_one_letter_code
;MSLVVFPFKHEHPEVLLHNVRVAAAHPRVHEVLCIGYERDQTYEAVERAAPEISRATGTPVSVRLQERLGTLRPGKGDGM
NTALRYFLEETQWERIHFYDADITSFGPDWITKAEEAADFGYGLVRHYFPRASTDAMITWMITRTGFALLWPHTELSWIE
QPLGGELLMRREVAAMLYEDERVRRRSDWGIDTLYTFVTVAAGVSIYECYIPEGKAHRLYGGLDDLRTMLVECFAAIQSL
QHEVVGQPAIHRQEHPHRVPVHIAERVGYDVEATLHRLMQHWTPRQVELLELFTTPVREGLRTCQRRPAFNFMDEMAWAA
TYHVLLEHFQPGDPDWEELLFKLWTTRVLNYTMTVALRGYDYAQQYLYRMLGRYRYQAALEN
;
_entity_poly.pdbx_strand_id   A,B
#
# COMPACT_ATOMS: atom_id res chain seq x y z
N SER A 2 -21.77 -17.74 -2.30
CA SER A 2 -20.32 -17.64 -1.90
C SER A 2 -19.46 -16.91 -2.91
N LEU A 3 -18.45 -16.21 -2.39
CA LEU A 3 -17.52 -15.47 -3.21
C LEU A 3 -16.19 -16.20 -3.31
N VAL A 4 -15.71 -16.33 -4.54
CA VAL A 4 -14.43 -16.93 -4.79
C VAL A 4 -13.54 -15.84 -5.33
N VAL A 5 -12.39 -15.66 -4.69
CA VAL A 5 -11.42 -14.65 -5.08
C VAL A 5 -10.12 -15.27 -5.64
N PHE A 6 -9.65 -14.73 -6.76
CA PHE A 6 -8.33 -15.06 -7.28
C PHE A 6 -7.41 -13.84 -7.34
N PRO A 7 -6.42 -13.77 -6.45
CA PRO A 7 -5.48 -12.67 -6.52
C PRO A 7 -4.47 -12.88 -7.61
N PHE A 8 -4.26 -11.87 -8.43
CA PHE A 8 -3.31 -12.02 -9.53
C PHE A 8 -2.38 -10.84 -9.72
N LYS A 9 -1.15 -11.13 -10.11
CA LYS A 9 -0.18 -10.12 -10.44
C LYS A 9 0.08 -10.29 -11.91
N HIS A 10 1.07 -11.11 -12.25
CA HIS A 10 1.47 -11.31 -13.64
C HIS A 10 1.24 -12.75 -14.12
N GLU A 11 0.01 -13.06 -14.52
CA GLU A 11 -0.35 -14.45 -14.84
C GLU A 11 -0.72 -14.57 -16.30
N HIS A 12 -0.66 -15.77 -16.85
CA HIS A 12 -1.15 -15.98 -18.22
C HIS A 12 -2.69 -15.91 -18.20
N PRO A 13 -3.29 -15.13 -19.09
CA PRO A 13 -4.77 -14.97 -18.99
C PRO A 13 -5.57 -16.28 -19.07
N GLU A 14 -5.22 -17.12 -20.04
CA GLU A 14 -5.93 -18.39 -20.24
C GLU A 14 -5.99 -19.25 -18.95
N VAL A 15 -4.87 -19.30 -18.24
CA VAL A 15 -4.73 -19.96 -16.95
C VAL A 15 -5.78 -19.45 -15.96
N LEU A 16 -5.86 -18.13 -15.80
CA LEU A 16 -6.73 -17.59 -14.80
C LEU A 16 -8.15 -17.71 -15.25
N LEU A 17 -8.39 -17.35 -16.50
CA LEU A 17 -9.73 -17.43 -17.08
C LEU A 17 -10.32 -18.83 -16.85
N HIS A 18 -9.53 -19.87 -17.12
CA HIS A 18 -9.97 -21.22 -16.87
C HIS A 18 -10.48 -21.36 -15.43
N ASN A 19 -9.69 -20.91 -14.47
CA ASN A 19 -10.08 -21.04 -13.09
C ASN A 19 -11.36 -20.25 -12.80
N VAL A 20 -11.49 -19.09 -13.43
CA VAL A 20 -12.69 -18.31 -13.21
C VAL A 20 -13.90 -19.09 -13.73
N ARG A 21 -13.81 -19.59 -14.96
CA ARG A 21 -14.80 -20.51 -15.53
C ARG A 21 -15.26 -21.60 -14.57
N VAL A 22 -14.28 -22.31 -14.04
CA VAL A 22 -14.55 -23.40 -13.14
C VAL A 22 -15.36 -22.90 -11.96
N ALA A 23 -14.93 -21.82 -11.31
CA ALA A 23 -15.62 -21.34 -10.12
C ALA A 23 -16.98 -20.78 -10.45
N ALA A 24 -17.06 -20.13 -11.59
CA ALA A 24 -18.32 -19.59 -12.07
C ALA A 24 -19.35 -20.68 -12.28
N ALA A 25 -18.91 -21.83 -12.79
CA ALA A 25 -19.85 -22.93 -13.13
C ALA A 25 -20.29 -23.76 -11.93
N HIS A 26 -19.72 -23.49 -10.76
CA HIS A 26 -19.97 -24.30 -9.57
C HIS A 26 -21.28 -23.92 -8.88
N PRO A 27 -22.14 -24.90 -8.56
CA PRO A 27 -23.47 -24.61 -8.00
C PRO A 27 -23.54 -23.80 -6.70
N ARG A 28 -22.43 -23.60 -6.00
CA ARG A 28 -22.53 -22.97 -4.67
C ARG A 28 -21.83 -21.65 -4.58
N VAL A 29 -21.39 -21.19 -5.76
CA VAL A 29 -20.62 -19.97 -5.94
C VAL A 29 -21.55 -18.86 -6.45
N HIS A 30 -21.71 -17.83 -5.62
CA HIS A 30 -22.57 -16.69 -5.92
C HIS A 30 -21.91 -15.63 -6.79
N GLU A 31 -20.59 -15.49 -6.66
CA GLU A 31 -19.84 -14.46 -7.36
C GLU A 31 -18.34 -14.77 -7.38
N VAL A 32 -17.66 -14.29 -8.43
CA VAL A 32 -16.22 -14.40 -8.55
C VAL A 32 -15.58 -13.02 -8.68
N LEU A 33 -14.51 -12.81 -7.90
CA LEU A 33 -13.74 -11.60 -7.97
C LEU A 33 -12.25 -11.84 -8.23
N CYS A 34 -11.72 -11.29 -9.31
CA CYS A 34 -10.28 -11.31 -9.50
C CYS A 34 -9.69 -10.03 -8.94
N ILE A 35 -8.56 -10.13 -8.25
CA ILE A 35 -8.00 -8.97 -7.59
C ILE A 35 -6.56 -8.76 -8.01
N GLY A 36 -6.37 -7.77 -8.88
CA GLY A 36 -5.15 -7.56 -9.60
C GLY A 36 -4.22 -6.61 -8.91
N TYR A 37 -2.93 -6.86 -9.13
CA TYR A 37 -1.89 -5.93 -8.73
C TYR A 37 -2.08 -4.59 -9.44
N GLU A 38 -2.15 -4.63 -10.78
CA GLU A 38 -2.26 -3.42 -11.60
C GLU A 38 -2.99 -3.75 -12.90
N ARG A 39 -3.56 -2.75 -13.54
CA ARG A 39 -4.19 -2.94 -14.85
C ARG A 39 -3.18 -3.37 -15.92
N ASP A 40 -3.09 -4.67 -16.20
CA ASP A 40 -2.16 -5.18 -17.20
C ASP A 40 -2.87 -6.05 -18.22
N GLN A 41 -2.09 -6.77 -19.02
CA GLN A 41 -2.62 -7.75 -20.01
C GLN A 41 -3.72 -8.62 -19.39
N THR A 42 -3.35 -9.35 -18.32
CA THR A 42 -4.24 -10.26 -17.59
C THR A 42 -5.51 -9.56 -17.14
N TYR A 43 -5.35 -8.36 -16.58
CA TYR A 43 -6.49 -7.61 -16.08
C TYR A 43 -7.49 -7.34 -17.21
N GLU A 44 -7.01 -6.74 -18.30
CA GLU A 44 -7.89 -6.42 -19.43
C GLU A 44 -8.57 -7.69 -19.99
N ALA A 45 -7.78 -8.76 -20.15
CA ALA A 45 -8.34 -10.04 -20.63
C ALA A 45 -9.56 -10.52 -19.84
N VAL A 46 -9.54 -10.29 -18.54
CA VAL A 46 -10.63 -10.74 -17.67
C VAL A 46 -11.80 -9.78 -17.69
N GLU A 47 -11.52 -8.49 -17.58
CA GLU A 47 -12.55 -7.44 -17.69
C GLU A 47 -13.42 -7.70 -18.93
N ARG A 48 -12.76 -8.11 -20.01
CA ARG A 48 -13.42 -8.38 -21.29
C ARG A 48 -14.27 -9.65 -21.25
N ALA A 49 -13.68 -10.76 -20.81
CA ALA A 49 -14.39 -12.05 -20.81
C ALA A 49 -15.59 -12.12 -19.84
N ALA A 50 -15.58 -11.29 -18.80
CA ALA A 50 -16.60 -11.29 -17.73
C ALA A 50 -18.08 -11.45 -18.16
N PRO A 51 -18.64 -10.50 -18.93
CA PRO A 51 -19.99 -10.66 -19.50
C PRO A 51 -20.31 -12.01 -20.18
N GLU A 52 -19.47 -12.46 -21.13
CA GLU A 52 -19.72 -13.74 -21.85
C GLU A 52 -19.88 -14.89 -20.85
N ILE A 53 -19.03 -14.87 -19.82
CA ILE A 53 -19.03 -15.85 -18.72
C ILE A 53 -20.22 -15.69 -17.76
N SER A 54 -20.47 -14.47 -17.30
CA SER A 54 -21.67 -14.18 -16.50
C SER A 54 -22.98 -14.60 -17.18
N ARG A 55 -23.08 -14.41 -18.51
CA ARG A 55 -24.25 -14.86 -19.26
C ARG A 55 -24.26 -16.39 -19.27
N ALA A 56 -23.14 -17.01 -19.64
CA ALA A 56 -23.06 -18.49 -19.69
C ALA A 56 -23.47 -19.21 -18.37
N THR A 57 -23.11 -18.63 -17.22
CA THR A 57 -23.14 -19.36 -15.94
C THR A 57 -24.19 -18.86 -14.95
N GLY A 58 -24.56 -17.58 -15.10
CA GLY A 58 -25.47 -16.92 -14.16
C GLY A 58 -24.74 -16.37 -12.96
N THR A 59 -23.41 -16.26 -13.06
CA THR A 59 -22.59 -15.84 -11.94
C THR A 59 -21.87 -14.52 -12.22
N PRO A 60 -22.15 -13.47 -11.43
CA PRO A 60 -21.45 -12.21 -11.63
C PRO A 60 -19.93 -12.44 -11.54
N VAL A 61 -19.17 -11.77 -12.37
CA VAL A 61 -17.71 -11.90 -12.36
C VAL A 61 -17.11 -10.50 -12.47
N SER A 62 -16.26 -10.12 -11.51
CA SER A 62 -15.73 -8.75 -11.47
C SER A 62 -14.23 -8.73 -11.28
N VAL A 63 -13.57 -7.76 -11.89
CA VAL A 63 -12.17 -7.47 -11.63
C VAL A 63 -12.02 -6.17 -10.84
N ARG A 64 -11.12 -6.09 -9.87
CA ARG A 64 -10.85 -4.82 -9.20
C ARG A 64 -9.39 -4.70 -8.98
N LEU A 65 -8.95 -3.51 -8.62
CA LEU A 65 -7.55 -3.28 -8.40
C LEU A 65 -7.32 -3.37 -6.92
N GLN A 66 -6.17 -3.89 -6.53
CA GLN A 66 -5.85 -3.86 -5.11
C GLN A 66 -5.58 -2.43 -4.63
N GLU A 67 -6.14 -2.06 -3.48
CA GLU A 67 -5.84 -0.75 -2.94
C GLU A 67 -4.83 -0.80 -1.82
N ARG A 68 -4.14 0.32 -1.57
CA ARG A 68 -3.08 0.33 -0.58
C ARG A 68 -3.68 0.41 0.80
N LEU A 69 -3.96 -0.74 1.44
CA LEU A 69 -4.57 -0.72 2.78
C LEU A 69 -3.57 -0.94 3.90
N GLY A 70 -2.36 -1.35 3.53
CA GLY A 70 -1.32 -1.68 4.48
C GLY A 70 -0.08 -0.85 4.21
N THR A 71 0.99 -1.17 4.92
CA THR A 71 2.09 -0.23 5.05
C THR A 71 3.48 -0.81 4.81
N LEU A 72 3.56 -2.11 4.53
CA LEU A 72 4.81 -2.72 4.09
C LEU A 72 4.86 -2.62 2.59
N ARG A 73 5.68 -3.43 1.90
CA ARG A 73 5.68 -3.47 0.44
C ARG A 73 4.26 -3.65 -0.15
N PRO A 74 3.88 -2.83 -1.14
CA PRO A 74 2.57 -3.15 -1.73
C PRO A 74 2.61 -4.47 -2.54
N GLY A 75 2.07 -5.55 -1.96
CA GLY A 75 2.07 -6.88 -2.58
C GLY A 75 0.78 -7.63 -2.42
N LYS A 76 0.88 -8.95 -2.28
CA LYS A 76 -0.31 -9.84 -2.23
C LYS A 76 -1.25 -9.56 -1.05
N GLY A 77 -0.68 -9.22 0.12
CA GLY A 77 -1.45 -8.77 1.27
C GLY A 77 -2.48 -7.70 0.96
N ASP A 78 -2.09 -6.69 0.19
CA ASP A 78 -3.03 -5.64 -0.22
C ASP A 78 -4.16 -6.22 -1.05
N GLY A 79 -3.82 -7.15 -1.94
CA GLY A 79 -4.82 -7.82 -2.77
C GLY A 79 -5.83 -8.56 -1.94
N MET A 80 -5.35 -9.35 -1.01
CA MET A 80 -6.22 -10.22 -0.23
C MET A 80 -7.13 -9.39 0.62
N ASN A 81 -6.51 -8.41 1.26
CA ASN A 81 -7.22 -7.49 2.14
C ASN A 81 -8.29 -6.66 1.41
N THR A 82 -7.94 -6.18 0.22
CA THR A 82 -8.90 -5.48 -0.60
C THR A 82 -10.12 -6.38 -0.88
N ALA A 83 -9.86 -7.62 -1.30
CA ALA A 83 -10.94 -8.61 -1.47
C ALA A 83 -11.75 -8.78 -0.19
N LEU A 84 -11.07 -8.80 0.95
CA LEU A 84 -11.76 -8.83 2.24
C LEU A 84 -12.72 -7.66 2.32
N ARG A 85 -12.24 -6.46 1.96
CA ARG A 85 -13.08 -5.27 2.00
C ARG A 85 -14.25 -5.39 1.02
N TYR A 86 -13.95 -5.74 -0.23
CA TYR A 86 -15.00 -5.94 -1.20
C TYR A 86 -16.02 -6.94 -0.66
N PHE A 87 -15.54 -8.05 -0.10
CA PHE A 87 -16.41 -9.11 0.41
C PHE A 87 -17.38 -8.56 1.41
N LEU A 88 -16.85 -7.84 2.38
CA LEU A 88 -17.62 -7.35 3.51
C LEU A 88 -18.52 -6.13 3.20
N GLU A 89 -18.07 -5.27 2.27
CA GLU A 89 -18.71 -3.99 2.07
C GLU A 89 -19.55 -3.89 0.81
N GLU A 90 -19.32 -4.75 -0.15
CA GLU A 90 -20.11 -4.71 -1.37
C GLU A 90 -20.92 -6.00 -1.63
N THR A 91 -20.93 -6.91 -0.65
CA THR A 91 -21.63 -8.19 -0.80
C THR A 91 -22.19 -8.60 0.53
N GLN A 92 -23.17 -9.48 0.49
CA GLN A 92 -23.78 -10.00 1.70
C GLN A 92 -23.67 -11.55 1.74
N TRP A 93 -22.74 -12.09 0.93
CA TRP A 93 -22.45 -13.54 0.88
C TRP A 93 -21.86 -14.02 2.20
N GLU A 94 -22.21 -15.24 2.58
CA GLU A 94 -21.82 -15.88 3.85
C GLU A 94 -20.36 -16.37 3.98
N ARG A 95 -19.75 -16.76 2.85
CA ARG A 95 -18.45 -17.39 2.85
C ARG A 95 -17.60 -16.86 1.71
N ILE A 96 -16.29 -16.82 1.93
CA ILE A 96 -15.35 -16.36 0.91
C ILE A 96 -14.25 -17.39 0.73
N HIS A 97 -13.97 -17.76 -0.52
CA HIS A 97 -12.80 -18.60 -0.87
C HIS A 97 -11.70 -17.75 -1.46
N PHE A 98 -10.46 -18.17 -1.27
CA PHE A 98 -9.31 -17.68 -2.02
C PHE A 98 -8.62 -18.84 -2.72
N TYR A 99 -8.18 -18.65 -3.96
CA TYR A 99 -7.34 -19.63 -4.67
C TYR A 99 -6.30 -18.90 -5.49
N ASP A 100 -5.05 -19.32 -5.44
CA ASP A 100 -4.08 -18.71 -6.30
C ASP A 100 -4.50 -18.76 -7.77
N ALA A 101 -4.20 -17.68 -8.48
CA ALA A 101 -4.46 -17.57 -9.90
C ALA A 101 -3.60 -18.49 -10.78
N ASP A 102 -2.35 -18.75 -10.42
CA ASP A 102 -1.43 -19.56 -11.23
C ASP A 102 -1.80 -21.04 -11.29
N ILE A 103 -2.71 -21.47 -10.42
CA ILE A 103 -3.10 -22.89 -10.34
C ILE A 103 -3.57 -23.44 -11.69
N THR A 104 -3.12 -24.66 -12.04
CA THR A 104 -3.54 -25.30 -13.30
C THR A 104 -4.19 -26.66 -13.06
N SER A 105 -4.31 -27.08 -11.80
CA SER A 105 -5.06 -28.29 -11.47
C SER A 105 -6.38 -28.04 -10.68
N PHE A 106 -6.89 -26.82 -10.73
CA PHE A 106 -8.16 -26.48 -10.10
C PHE A 106 -9.30 -27.37 -10.60
N GLY A 107 -10.28 -27.66 -9.73
CA GLY A 107 -11.46 -28.45 -10.11
C GLY A 107 -12.66 -28.13 -9.23
N PRO A 108 -13.89 -28.51 -9.66
CA PRO A 108 -15.06 -28.10 -8.83
C PRO A 108 -15.01 -28.71 -7.42
N ASP A 109 -14.31 -29.84 -7.32
CA ASP A 109 -14.17 -30.66 -6.12
CA ASP A 109 -14.31 -30.60 -6.08
C ASP A 109 -13.55 -29.85 -4.98
N TRP A 110 -12.62 -28.95 -5.34
CA TRP A 110 -11.94 -28.09 -4.35
C TRP A 110 -12.97 -27.19 -3.64
N ILE A 111 -13.82 -26.58 -4.44
CA ILE A 111 -14.85 -25.73 -3.92
C ILE A 111 -15.78 -26.56 -3.06
N THR A 112 -16.19 -27.72 -3.59
CA THR A 112 -17.13 -28.58 -2.89
C THR A 112 -16.61 -28.99 -1.50
N LYS A 113 -15.35 -29.42 -1.47
CA LYS A 113 -14.78 -29.96 -0.26
C LYS A 113 -14.76 -28.91 0.81
N ALA A 114 -14.41 -27.68 0.45
CA ALA A 114 -14.36 -26.58 1.43
C ALA A 114 -15.75 -26.18 1.86
N GLU A 115 -16.68 -26.09 0.91
CA GLU A 115 -18.06 -25.76 1.26
C GLU A 115 -18.65 -26.78 2.22
N GLU A 116 -18.41 -28.08 1.93
CA GLU A 116 -18.95 -29.14 2.78
C GLU A 116 -18.32 -29.18 4.15
N ALA A 117 -17.02 -28.89 4.24
CA ALA A 117 -16.38 -28.75 5.56
C ALA A 117 -16.93 -27.53 6.33
N ALA A 118 -17.27 -26.49 5.62
CA ALA A 118 -17.85 -25.35 6.30
C ALA A 118 -19.25 -25.74 6.80
N ASP A 119 -20.05 -26.37 5.92
CA ASP A 119 -21.33 -26.91 6.33
C ASP A 119 -21.16 -27.73 7.62
N PHE A 120 -20.09 -28.49 7.74
CA PHE A 120 -19.94 -29.31 8.91
C PHE A 120 -19.82 -28.48 10.22
N GLY A 121 -19.46 -27.19 10.08
CA GLY A 121 -19.25 -26.33 11.24
C GLY A 121 -17.93 -25.58 11.37
N TYR A 122 -16.92 -25.86 10.53
CA TYR A 122 -15.61 -25.19 10.66
C TYR A 122 -15.62 -23.71 10.26
N GLY A 123 -14.83 -22.89 10.96
CA GLY A 123 -14.80 -21.45 10.65
C GLY A 123 -13.93 -21.07 9.46
N LEU A 124 -12.85 -21.82 9.27
CA LEU A 124 -11.86 -21.63 8.24
C LEU A 124 -11.47 -23.00 7.76
N VAL A 125 -11.38 -23.13 6.44
CA VAL A 125 -10.96 -24.36 5.78
C VAL A 125 -9.72 -24.11 4.94
N ARG A 126 -8.63 -24.80 5.27
CA ARG A 126 -7.37 -24.71 4.50
C ARG A 126 -7.16 -25.89 3.54
N HIS A 127 -6.91 -25.62 2.28
CA HIS A 127 -6.51 -26.68 1.37
C HIS A 127 -4.98 -26.93 1.48
N TYR A 128 -4.62 -28.19 1.75
CA TYR A 128 -3.22 -28.59 1.64
C TYR A 128 -2.96 -29.69 0.60
N PHE A 129 -1.69 -29.90 0.28
CA PHE A 129 -1.31 -30.65 -0.92
C PHE A 129 -0.07 -31.48 -0.68
N PRO A 130 0.08 -32.56 -1.46
CA PRO A 130 1.32 -33.34 -1.43
C PRO A 130 2.46 -32.41 -1.84
N ARG A 131 3.63 -32.52 -1.23
CA ARG A 131 4.75 -31.68 -1.69
C ARG A 131 5.95 -32.57 -1.87
N ALA A 132 6.89 -32.16 -2.74
CA ALA A 132 8.20 -32.83 -2.92
C ALA A 132 9.05 -32.55 -1.71
N SER A 133 9.97 -33.42 -1.38
CA SER A 133 10.73 -33.25 -0.15
C SER A 133 11.60 -32.00 -0.07
N THR A 134 11.89 -31.36 -1.20
CA THR A 134 12.65 -30.10 -1.16
C THR A 134 11.83 -28.88 -1.55
N ASP A 135 10.52 -29.08 -1.57
CA ASP A 135 9.57 -27.98 -1.72
C ASP A 135 9.35 -27.36 -0.32
N ALA A 136 8.78 -26.14 -0.31
CA ALA A 136 8.26 -25.52 0.92
C ALA A 136 9.27 -25.39 2.03
N MET A 137 10.48 -24.96 1.70
CA MET A 137 11.50 -24.82 2.69
C MET A 137 11.36 -23.51 3.47
N ILE A 138 10.58 -22.58 2.92
CA ILE A 138 10.23 -21.43 3.73
C ILE A 138 9.25 -21.87 4.79
N THR A 139 8.19 -22.55 4.35
CA THR A 139 7.17 -23.09 5.23
C THR A 139 7.78 -23.86 6.39
N TRP A 140 8.65 -24.81 6.07
CA TRP A 140 9.22 -25.62 7.14
C TRP A 140 10.26 -24.91 8.00
N MET A 141 11.20 -24.22 7.34
CA MET A 141 12.40 -23.83 8.05
C MET A 141 12.22 -22.47 8.68
N ILE A 142 11.26 -21.69 8.13
CA ILE A 142 10.95 -20.37 8.63
C ILE A 142 9.61 -20.36 9.41
N THR A 143 8.50 -20.63 8.75
CA THR A 143 7.20 -20.54 9.40
C THR A 143 6.90 -21.56 10.50
N ARG A 144 6.95 -22.84 10.16
CA ARG A 144 6.54 -23.88 11.09
C ARG A 144 7.54 -23.86 12.22
N THR A 145 8.82 -23.66 11.89
CA THR A 145 9.87 -23.60 12.93
C THR A 145 9.59 -22.44 13.92
N GLY A 146 9.24 -21.27 13.38
CA GLY A 146 8.98 -20.12 14.20
C GLY A 146 7.84 -20.46 15.14
N PHE A 147 6.72 -20.92 14.58
CA PHE A 147 5.56 -21.24 15.39
C PHE A 147 5.90 -22.27 16.47
N ALA A 148 6.77 -23.20 16.12
CA ALA A 148 7.12 -24.25 17.04
C ALA A 148 7.99 -23.65 18.15
N LEU A 149 8.98 -22.83 17.80
CA LEU A 149 9.83 -22.24 18.81
C LEU A 149 9.12 -21.19 19.67
N LEU A 150 8.14 -20.47 19.14
CA LEU A 150 7.59 -19.32 19.85
C LEU A 150 6.33 -19.69 20.58
N TRP A 151 5.48 -20.52 19.97
CA TRP A 151 4.24 -20.95 20.63
C TRP A 151 4.04 -22.47 20.70
N PRO A 152 5.01 -23.15 21.30
CA PRO A 152 5.04 -24.62 21.35
C PRO A 152 3.76 -25.30 21.85
N HIS A 153 3.00 -24.69 22.77
CA HIS A 153 1.73 -25.31 23.23
C HIS A 153 0.54 -25.07 22.34
N THR A 154 0.68 -24.30 21.26
CA THR A 154 -0.52 -23.94 20.52
C THR A 154 -0.67 -24.81 19.29
N GLU A 155 -1.77 -24.63 18.61
CA GLU A 155 -2.04 -25.35 17.42
C GLU A 155 -1.21 -24.79 16.22
N LEU A 156 -0.53 -23.68 16.43
CA LEU A 156 0.19 -23.01 15.34
C LEU A 156 1.11 -23.91 14.53
N SER A 157 2.02 -24.64 15.18
CA SER A 157 2.99 -25.38 14.39
C SER A 157 2.38 -26.63 13.75
N TRP A 158 1.15 -26.97 14.14
CA TRP A 158 0.45 -28.12 13.60
C TRP A 158 -0.23 -27.82 12.26
N ILE A 159 -0.42 -26.54 11.95
CA ILE A 159 -1.05 -26.17 10.69
C ILE A 159 -0.16 -26.68 9.55
N GLU A 160 -0.72 -27.48 8.63
CA GLU A 160 0.13 -28.16 7.63
C GLU A 160 0.80 -27.18 6.67
N GLN A 161 -0.01 -26.32 6.06
CA GLN A 161 0.53 -25.36 5.14
C GLN A 161 0.15 -23.90 5.50
N PRO A 162 0.82 -23.35 6.51
CA PRO A 162 0.43 -22.05 7.05
C PRO A 162 0.59 -20.91 6.04
N LEU A 163 1.34 -21.12 4.97
CA LEU A 163 1.54 -20.11 3.93
C LEU A 163 0.63 -20.31 2.74
N GLY A 164 -0.28 -21.28 2.80
CA GLY A 164 -1.01 -21.64 1.59
C GLY A 164 -2.11 -20.65 1.33
N GLY A 165 -2.27 -20.26 0.08
CA GLY A 165 -3.28 -19.29 -0.31
C GLY A 165 -4.63 -19.89 -0.72
N GLU A 166 -4.85 -21.18 -0.46
CA GLU A 166 -6.13 -21.76 -0.84
C GLU A 166 -6.89 -21.98 0.40
N LEU A 167 -8.01 -21.30 0.56
CA LEU A 167 -8.77 -21.44 1.79
C LEU A 167 -10.18 -20.90 1.69
N LEU A 168 -10.99 -21.17 2.71
CA LEU A 168 -12.34 -20.63 2.79
C LEU A 168 -12.56 -20.08 4.21
N MET A 169 -13.15 -18.88 4.29
CA MET A 169 -13.56 -18.31 5.58
C MET A 169 -15.05 -18.03 5.63
N ARG A 170 -15.62 -18.25 6.81
CA ARG A 170 -16.95 -17.74 7.13
C ARG A 170 -16.85 -16.22 7.25
N ARG A 171 -17.97 -15.55 6.93
CA ARG A 171 -18.12 -14.09 6.98
C ARG A 171 -17.53 -13.53 8.28
N GLU A 172 -17.86 -14.15 9.41
CA GLU A 172 -17.40 -13.52 10.64
C GLU A 172 -15.88 -13.61 10.81
N VAL A 173 -15.29 -14.65 10.24
CA VAL A 173 -13.85 -14.83 10.29
C VAL A 173 -13.23 -13.77 9.40
N ALA A 174 -13.73 -13.64 8.19
CA ALA A 174 -13.20 -12.62 7.31
C ALA A 174 -13.25 -11.24 7.97
N ALA A 175 -14.34 -10.95 8.66
CA ALA A 175 -14.57 -9.63 9.29
C ALA A 175 -13.57 -9.39 10.41
N MET A 176 -13.44 -10.39 11.28
CA MET A 176 -12.43 -10.33 12.32
C MET A 176 -11.06 -10.01 11.71
N LEU A 177 -10.66 -10.75 10.67
CA LEU A 177 -9.39 -10.50 10.00
C LEU A 177 -9.23 -9.10 9.37
N TYR A 178 -10.31 -8.54 8.82
CA TYR A 178 -10.24 -7.23 8.20
C TYR A 178 -10.13 -6.15 9.28
N GLU A 179 -10.66 -6.47 10.46
CA GLU A 179 -10.61 -5.58 11.61
C GLU A 179 -9.24 -5.52 12.28
N ASP A 180 -8.45 -6.59 12.14
CA ASP A 180 -7.17 -6.68 12.86
C ASP A 180 -6.05 -5.85 12.22
N GLU A 181 -5.55 -4.89 12.98
CA GLU A 181 -4.55 -3.95 12.49
C GLU A 181 -3.26 -4.66 12.05
N ARG A 182 -2.88 -5.70 12.80
CA ARG A 182 -1.70 -6.53 12.48
C ARG A 182 -1.92 -7.17 11.13
N VAL A 183 -3.15 -7.61 10.87
CA VAL A 183 -3.47 -8.20 9.57
C VAL A 183 -3.41 -7.16 8.48
N ARG A 184 -4.10 -6.05 8.70
CA ARG A 184 -4.22 -4.96 7.73
C ARG A 184 -2.86 -4.41 7.28
N ARG A 185 -1.95 -4.29 8.25
CA ARG A 185 -0.61 -3.83 8.03
C ARG A 185 0.14 -4.67 6.97
N ARG A 186 -0.01 -6.02 7.00
CA ARG A 186 0.75 -6.93 6.11
C ARG A 186 0.35 -6.88 4.66
N SER A 187 0.79 -5.85 3.97
CA SER A 187 0.46 -5.68 2.56
C SER A 187 1.27 -6.61 1.65
N ASP A 188 2.33 -7.20 2.22
CA ASP A 188 3.35 -7.95 1.46
C ASP A 188 3.12 -9.49 1.44
N TRP A 189 4.19 -10.29 1.31
CA TRP A 189 4.05 -11.75 1.31
C TRP A 189 3.65 -12.29 2.70
N GLY A 190 3.66 -11.42 3.71
CA GLY A 190 3.39 -11.83 5.08
C GLY A 190 1.93 -12.08 5.33
N ILE A 191 1.09 -11.72 4.36
CA ILE A 191 -0.33 -11.79 4.59
C ILE A 191 -0.79 -13.16 5.09
N ASP A 192 -0.35 -14.23 4.43
CA ASP A 192 -0.82 -15.61 4.73
C ASP A 192 -0.46 -16.05 6.14
N THR A 193 0.77 -15.79 6.55
CA THR A 193 1.16 -16.03 7.91
C THR A 193 0.24 -15.31 8.92
N LEU A 194 -0.12 -14.06 8.64
CA LEU A 194 -1.03 -13.34 9.49
C LEU A 194 -2.40 -13.98 9.55
N TYR A 195 -3.00 -14.30 8.41
CA TYR A 195 -4.30 -15.00 8.48
C TYR A 195 -4.20 -16.27 9.38
N THR A 196 -3.09 -17.00 9.26
CA THR A 196 -2.93 -18.23 9.94
C THR A 196 -2.83 -17.94 11.41
N PHE A 197 -1.92 -17.03 11.75
CA PHE A 197 -1.71 -16.70 13.14
C PHE A 197 -2.98 -16.18 13.81
N VAL A 198 -3.62 -15.22 13.16
CA VAL A 198 -4.72 -14.55 13.80
C VAL A 198 -5.92 -15.49 13.96
N THR A 199 -6.34 -16.17 12.88
CA THR A 199 -7.42 -17.18 12.99
C THR A 199 -7.19 -18.22 14.09
N VAL A 200 -5.97 -18.68 14.25
CA VAL A 200 -5.72 -19.67 15.27
C VAL A 200 -5.78 -18.96 16.61
N ALA A 201 -5.11 -17.81 16.72
CA ALA A 201 -5.08 -17.05 17.99
C ALA A 201 -6.47 -16.69 18.49
N ALA A 202 -7.38 -16.36 17.57
CA ALA A 202 -8.78 -16.02 17.86
C ALA A 202 -9.67 -17.22 18.23
N GLY A 203 -9.09 -18.42 18.24
CA GLY A 203 -9.86 -19.67 18.46
C GLY A 203 -10.88 -20.00 17.37
N VAL A 204 -10.65 -19.61 16.12
CA VAL A 204 -11.42 -20.16 15.01
C VAL A 204 -11.24 -21.68 14.85
N SER A 205 -12.27 -22.38 14.40
CA SER A 205 -12.10 -23.80 14.22
C SER A 205 -11.72 -24.12 12.78
N ILE A 206 -10.62 -24.84 12.64
CA ILE A 206 -9.96 -25.04 11.35
C ILE A 206 -10.03 -26.48 10.89
N TYR A 207 -10.37 -26.67 9.62
CA TYR A 207 -10.20 -27.96 9.01
C TYR A 207 -9.22 -27.79 7.87
N GLU A 208 -8.41 -28.81 7.67
CA GLU A 208 -7.49 -28.78 6.54
C GLU A 208 -7.93 -29.89 5.62
N CYS A 209 -8.32 -29.56 4.41
CA CYS A 209 -8.62 -30.64 3.52
C CYS A 209 -7.57 -30.91 2.48
N TYR A 210 -7.40 -32.19 2.19
CA TYR A 210 -6.34 -32.68 1.33
C TYR A 210 -6.79 -32.74 -0.11
N ILE A 211 -6.00 -32.11 -0.98
CA ILE A 211 -6.26 -32.18 -2.39
C ILE A 211 -5.26 -33.15 -2.96
N PRO A 212 -5.74 -34.37 -3.34
CA PRO A 212 -4.84 -35.50 -3.61
C PRO A 212 -4.03 -35.31 -4.86
N GLU A 213 -4.68 -34.88 -5.95
CA GLU A 213 -3.98 -34.44 -7.15
C GLU A 213 -3.17 -33.27 -6.65
N GLY A 214 -2.07 -32.92 -7.27
CA GLY A 214 -1.26 -31.86 -6.61
C GLY A 214 -1.87 -30.46 -6.59
N LYS A 215 -1.04 -29.46 -6.22
CA LYS A 215 -1.24 -28.06 -6.65
C LYS A 215 -0.23 -27.73 -7.72
N ALA A 216 -0.71 -27.73 -8.96
CA ALA A 216 0.12 -27.39 -10.10
C ALA A 216 0.01 -25.89 -10.38
N HIS A 217 1.15 -25.21 -10.24
CA HIS A 217 1.30 -23.77 -10.53
C HIS A 217 2.70 -23.46 -11.10
N ARG A 218 3.00 -22.18 -11.39
CA ARG A 218 4.33 -21.70 -11.92
C ARG A 218 5.61 -22.01 -11.07
N LEU A 219 6.72 -22.42 -11.70
CA LEU A 219 7.98 -22.74 -10.93
C LEU A 219 9.06 -21.63 -10.88
N LEU A 223 17.04 -20.43 -6.51
CA LEU A 223 16.65 -20.22 -5.10
C LEU A 223 16.44 -18.72 -4.65
N ASP A 224 17.10 -17.77 -5.34
CA ASP A 224 17.03 -16.29 -5.04
C ASP A 224 15.90 -15.45 -5.69
N ASP A 225 15.10 -16.10 -6.53
CA ASP A 225 13.76 -15.60 -6.91
C ASP A 225 12.82 -15.57 -5.64
N LEU A 226 13.23 -16.31 -4.59
CA LEU A 226 12.46 -16.49 -3.35
C LEU A 226 12.85 -15.56 -2.20
N ARG A 227 13.82 -14.70 -2.47
CA ARG A 227 14.47 -13.91 -1.45
C ARG A 227 13.50 -12.92 -0.73
N THR A 228 12.73 -12.19 -1.50
CA THR A 228 11.77 -11.28 -0.91
C THR A 228 10.76 -12.01 -0.01
N MET A 229 10.25 -13.12 -0.54
CA MET A 229 9.32 -13.93 0.17
C MET A 229 9.92 -14.48 1.45
N LEU A 230 11.15 -14.94 1.39
CA LEU A 230 11.82 -15.40 2.57
C LEU A 230 11.86 -14.29 3.65
N VAL A 231 12.23 -13.06 3.25
CA VAL A 231 12.42 -12.05 4.26
C VAL A 231 11.08 -11.68 4.77
N GLU A 232 10.11 -11.59 3.89
CA GLU A 232 8.85 -11.05 4.34
C GLU A 232 8.14 -12.06 5.22
N CYS A 233 8.26 -13.34 4.91
CA CYS A 233 7.71 -14.36 5.76
C CYS A 233 8.47 -14.42 7.08
N PHE A 234 9.79 -14.22 7.06
CA PHE A 234 10.46 -14.19 8.36
C PHE A 234 10.06 -12.95 9.20
N ALA A 235 10.02 -11.78 8.57
CA ALA A 235 9.50 -10.57 9.20
C ALA A 235 8.15 -10.84 9.88
N ALA A 236 7.24 -11.50 9.18
CA ALA A 236 5.93 -11.71 9.76
C ALA A 236 6.06 -12.40 11.12
N ILE A 237 6.81 -13.50 11.17
CA ILE A 237 6.98 -14.21 12.42
C ILE A 237 7.61 -13.26 13.44
N GLN A 238 8.58 -12.48 13.02
CA GLN A 238 9.34 -11.64 13.95
C GLN A 238 8.42 -10.61 14.60
N SER A 239 7.54 -10.06 13.79
CA SER A 239 6.61 -9.06 14.19
C SER A 239 5.58 -9.60 15.18
N LEU A 240 5.40 -10.92 15.19
CA LEU A 240 4.40 -11.51 16.05
C LEU A 240 5.00 -12.04 17.31
N GLN A 241 6.32 -11.96 17.42
CA GLN A 241 7.07 -12.78 18.38
C GLN A 241 6.73 -12.49 19.83
N HIS A 242 6.03 -11.38 20.05
CA HIS A 242 5.63 -11.01 21.42
C HIS A 242 4.16 -11.25 21.70
N GLU A 243 3.35 -11.52 20.67
CA GLU A 243 1.93 -11.85 20.84
C GLU A 243 1.68 -13.04 21.76
N VAL A 244 0.52 -13.07 22.42
CA VAL A 244 0.14 -14.23 23.23
C VAL A 244 -1.09 -14.86 22.60
N VAL A 245 -1.22 -16.16 22.80
CA VAL A 245 -2.31 -16.92 22.20
C VAL A 245 -3.07 -17.45 23.40
N GLY A 246 -4.32 -17.01 23.53
CA GLY A 246 -5.03 -17.16 24.81
C GLY A 246 -6.16 -18.18 24.82
N GLN A 247 -6.25 -18.99 23.77
CA GLN A 247 -7.33 -19.96 23.71
C GLN A 247 -7.01 -21.08 22.73
N PRO A 248 -7.58 -22.27 22.97
CA PRO A 248 -7.34 -23.38 22.03
C PRO A 248 -8.19 -23.19 20.78
N ALA A 249 -8.00 -24.06 19.80
CA ALA A 249 -8.80 -24.04 18.58
C ALA A 249 -9.13 -25.49 18.22
N ILE A 250 -10.34 -25.75 17.75
CA ILE A 250 -10.60 -27.06 17.17
C ILE A 250 -9.89 -27.13 15.82
N HIS A 251 -9.04 -28.12 15.67
CA HIS A 251 -8.22 -28.20 14.48
C HIS A 251 -8.07 -29.63 13.95
N ARG A 252 -8.57 -29.88 12.76
CA ARG A 252 -8.56 -31.24 12.26
C ARG A 252 -8.07 -31.34 10.83
N GLN A 253 -7.37 -32.44 10.55
CA GLN A 253 -6.78 -32.66 9.24
C GLN A 253 -7.36 -33.88 8.57
N GLU A 254 -7.98 -33.70 7.41
CA GLU A 254 -8.24 -34.82 6.52
C GLU A 254 -6.95 -35.61 6.38
N HIS A 255 -7.06 -36.92 6.54
CA HIS A 255 -5.87 -37.76 6.46
CA HIS A 255 -5.92 -37.84 6.43
C HIS A 255 -5.32 -37.72 5.04
N PRO A 256 -3.97 -37.62 4.93
CA PRO A 256 -3.40 -37.49 3.57
C PRO A 256 -3.16 -38.82 2.85
N HIS A 257 -3.45 -38.84 1.56
CA HIS A 257 -3.03 -39.95 0.68
C HIS A 257 -1.50 -39.97 0.49
N ARG A 258 -0.98 -41.14 0.10
CA ARG A 258 0.35 -41.29 -0.46
C ARG A 258 0.57 -40.26 -1.56
N VAL A 259 1.75 -39.67 -1.57
CA VAL A 259 2.12 -38.63 -2.53
C VAL A 259 2.16 -39.23 -3.94
N PRO A 260 1.64 -38.50 -4.94
CA PRO A 260 1.82 -39.02 -6.32
C PRO A 260 3.30 -39.04 -6.75
N VAL A 261 3.66 -40.08 -7.49
CA VAL A 261 5.00 -40.31 -7.95
C VAL A 261 5.57 -39.11 -8.72
N HIS A 262 4.82 -38.59 -9.68
CA HIS A 262 5.36 -37.46 -10.41
C HIS A 262 5.63 -36.25 -9.51
N ILE A 263 5.01 -36.20 -8.31
CA ILE A 263 5.32 -35.09 -7.40
C ILE A 263 6.54 -35.42 -6.55
N ALA A 264 6.56 -36.57 -5.91
CA ALA A 264 7.76 -36.98 -5.20
C ALA A 264 9.02 -36.87 -6.09
N GLU A 265 8.90 -37.11 -7.38
CA GLU A 265 10.06 -37.08 -8.28
C GLU A 265 10.27 -35.77 -9.00
N ARG A 266 9.46 -34.75 -8.67
CA ARG A 266 9.56 -33.41 -9.26
C ARG A 266 10.97 -32.88 -9.04
N VAL A 267 11.46 -32.33 -10.14
CA VAL A 267 12.83 -31.86 -10.34
C VAL A 267 13.50 -31.21 -9.03
N GLY A 268 12.96 -30.07 -8.61
CA GLY A 268 13.56 -29.38 -7.48
C GLY A 268 14.52 -28.29 -7.95
N TYR A 269 14.84 -27.37 -7.02
CA TYR A 269 15.81 -26.29 -7.21
C TYR A 269 17.20 -26.74 -7.70
N ASP A 270 17.93 -25.79 -8.25
CA ASP A 270 19.22 -26.07 -8.88
C ASP A 270 20.35 -26.10 -7.83
N VAL A 271 20.83 -27.29 -7.50
CA VAL A 271 21.80 -27.39 -6.41
C VAL A 271 23.07 -26.58 -6.70
N GLU A 272 23.64 -26.78 -7.89
CA GLU A 272 24.84 -26.05 -8.28
C GLU A 272 24.73 -24.53 -8.17
N ALA A 273 23.63 -23.98 -8.68
CA ALA A 273 23.45 -22.54 -8.68
C ALA A 273 23.24 -22.07 -7.26
N THR A 274 22.59 -22.90 -6.46
CA THR A 274 22.41 -22.56 -5.08
C THR A 274 23.76 -22.49 -4.38
N LEU A 275 24.56 -23.56 -4.49
CA LEU A 275 25.89 -23.55 -3.91
C LEU A 275 26.67 -22.31 -4.35
N HIS A 276 26.64 -22.00 -5.65
CA HIS A 276 27.38 -20.86 -6.19
C HIS A 276 26.88 -19.57 -5.53
N ARG A 277 25.56 -19.48 -5.30
CA ARG A 277 24.93 -18.26 -4.82
C ARG A 277 25.38 -17.92 -3.38
N LEU A 278 25.83 -18.93 -2.66
CA LEU A 278 26.31 -18.75 -1.31
C LEU A 278 27.63 -17.96 -1.28
N MET A 279 28.28 -17.85 -2.43
CA MET A 279 29.59 -17.26 -2.47
C MET A 279 29.49 -15.84 -3.00
N GLN A 280 28.27 -15.42 -3.31
CA GLN A 280 28.01 -14.13 -3.95
C GLN A 280 27.36 -13.06 -3.04
N HIS A 281 27.39 -11.81 -3.49
CA HIS A 281 26.78 -10.69 -2.75
C HIS A 281 27.23 -10.53 -1.32
N TRP A 282 28.49 -10.83 -1.08
CA TRP A 282 29.07 -10.56 0.23
C TRP A 282 29.43 -9.07 0.36
N THR A 283 29.42 -8.58 1.60
CA THR A 283 29.86 -7.23 1.93
C THR A 283 30.53 -7.31 3.28
N PRO A 284 31.52 -6.42 3.55
CA PRO A 284 32.16 -6.40 4.91
C PRO A 284 31.14 -6.35 6.04
N ARG A 285 30.04 -5.65 5.83
CA ARG A 285 29.06 -5.50 6.91
C ARG A 285 28.38 -6.84 7.27
N GLN A 286 27.95 -7.59 6.24
CA GLN A 286 27.54 -8.99 6.39
C GLN A 286 28.53 -9.72 7.24
N VAL A 287 29.82 -9.60 6.89
CA VAL A 287 30.86 -10.23 7.69
C VAL A 287 30.95 -9.72 9.13
N GLU A 288 30.72 -8.42 9.40
CA GLU A 288 30.75 -7.96 10.81
C GLU A 288 29.49 -8.45 11.54
N LEU A 289 28.33 -8.41 10.85
CA LEU A 289 27.07 -8.94 11.42
C LEU A 289 27.12 -10.39 11.96
N LEU A 290 27.84 -11.28 11.27
CA LEU A 290 28.00 -12.66 11.73
C LEU A 290 28.53 -12.77 13.15
N GLU A 291 29.26 -11.76 13.58
CA GLU A 291 29.76 -11.69 14.94
C GLU A 291 28.63 -11.92 15.95
N LEU A 292 27.38 -11.65 15.53
CA LEU A 292 26.23 -11.80 16.40
C LEU A 292 25.80 -13.24 16.66
N PHE A 293 26.28 -14.16 15.80
CA PHE A 293 25.87 -15.55 15.83
C PHE A 293 26.87 -16.46 16.53
N THR A 294 26.45 -17.70 16.79
CA THR A 294 27.29 -18.66 17.49
C THR A 294 28.48 -19.07 16.62
N THR A 295 29.55 -19.53 17.26
CA THR A 295 30.83 -19.79 16.58
C THR A 295 30.76 -20.71 15.34
N PRO A 296 30.10 -21.89 15.47
CA PRO A 296 30.01 -22.75 14.29
C PRO A 296 29.26 -22.07 13.15
N VAL A 297 28.20 -21.34 13.44
CA VAL A 297 27.48 -20.65 12.37
C VAL A 297 28.36 -19.55 11.75
N ARG A 298 28.95 -18.72 12.62
CA ARG A 298 29.94 -17.72 12.23
C ARG A 298 31.05 -18.32 11.35
N GLU A 299 31.81 -19.28 11.86
CA GLU A 299 32.87 -19.87 11.03
C GLU A 299 32.27 -20.42 9.71
N GLY A 300 31.17 -21.15 9.86
CA GLY A 300 30.47 -21.78 8.75
C GLY A 300 30.16 -20.79 7.66
N LEU A 301 29.48 -19.72 8.01
CA LEU A 301 28.98 -18.87 6.96
C LEU A 301 30.15 -18.11 6.35
N ARG A 302 31.19 -17.89 7.14
CA ARG A 302 32.36 -17.22 6.63
C ARG A 302 33.09 -18.04 5.58
N THR A 303 33.27 -19.35 5.82
CA THR A 303 33.88 -20.23 4.83
C THR A 303 33.21 -20.07 3.47
N CYS A 304 31.90 -19.81 3.46
CA CYS A 304 31.16 -19.67 2.21
C CYS A 304 31.73 -18.59 1.34
N GLN A 305 32.63 -17.79 1.87
CA GLN A 305 33.22 -16.76 1.03
C GLN A 305 34.17 -17.39 0.05
N ARG A 306 34.79 -18.48 0.48
CA ARG A 306 35.78 -19.13 -0.36
C ARG A 306 35.16 -20.34 -1.07
N ARG A 307 34.39 -21.14 -0.32
CA ARG A 307 33.75 -22.32 -0.89
C ARG A 307 32.48 -22.66 -0.11
N PRO A 308 31.54 -23.40 -0.74
CA PRO A 308 30.26 -23.66 -0.10
C PRO A 308 30.43 -24.54 1.10
N ALA A 309 29.77 -24.17 2.19
CA ALA A 309 29.80 -24.96 3.42
C ALA A 309 28.41 -24.95 4.03
N PHE A 310 27.95 -26.10 4.50
CA PHE A 310 26.61 -26.22 5.05
C PHE A 310 26.45 -27.33 6.07
N ASN A 311 27.43 -28.23 6.19
CA ASN A 311 27.29 -29.32 7.16
C ASN A 311 27.04 -28.78 8.55
N PHE A 312 27.55 -27.58 8.82
CA PHE A 312 27.41 -26.96 10.12
C PHE A 312 25.94 -26.60 10.44
N MET A 313 25.12 -26.36 9.42
CA MET A 313 23.80 -25.86 9.70
C MET A 313 22.76 -26.95 10.02
N ASP A 314 23.04 -27.76 11.04
CA ASP A 314 22.10 -28.78 11.53
C ASP A 314 20.90 -28.19 12.29
N GLU A 315 20.03 -29.04 12.80
CA GLU A 315 18.80 -28.66 13.44
C GLU A 315 18.98 -27.69 14.62
N MET A 316 19.97 -28.01 15.45
CA MET A 316 20.26 -27.24 16.66
C MET A 316 20.79 -25.87 16.29
N ALA A 317 21.73 -25.86 15.35
CA ALA A 317 22.35 -24.65 14.85
C ALA A 317 21.31 -23.74 14.19
N TRP A 318 20.40 -24.33 13.42
CA TRP A 318 19.33 -23.55 12.86
C TRP A 318 18.52 -22.83 13.96
N ALA A 319 18.29 -23.51 15.09
CA ALA A 319 17.42 -22.97 16.14
C ALA A 319 18.15 -21.86 16.84
N ALA A 320 19.43 -22.08 17.11
CA ALA A 320 20.30 -21.03 17.61
C ALA A 320 20.19 -19.78 16.71
N THR A 321 20.29 -20.02 15.40
CA THR A 321 20.43 -18.98 14.42
C THR A 321 19.13 -18.22 14.37
N TYR A 322 18.06 -18.98 14.47
CA TYR A 322 16.73 -18.42 14.48
C TYR A 322 16.55 -17.43 15.61
N HIS A 323 17.06 -17.77 16.79
CA HIS A 323 16.91 -16.91 17.96
C HIS A 323 17.67 -15.60 17.79
N VAL A 324 18.88 -15.70 17.24
CA VAL A 324 19.70 -14.52 17.00
C VAL A 324 19.00 -13.63 16.00
N LEU A 325 18.41 -14.24 14.98
CA LEU A 325 17.70 -13.52 13.96
C LEU A 325 16.49 -12.83 14.51
N LEU A 326 15.78 -13.53 15.38
CA LEU A 326 14.54 -13.00 15.96
C LEU A 326 14.85 -11.66 16.62
N GLU A 327 16.00 -11.65 17.31
CA GLU A 327 16.40 -10.50 18.06
C GLU A 327 17.13 -9.44 17.29
N HIS A 328 17.84 -9.78 16.22
CA HIS A 328 18.68 -8.79 15.54
C HIS A 328 18.33 -8.52 14.07
N PHE A 329 17.39 -9.25 13.51
CA PHE A 329 17.21 -9.12 12.08
C PHE A 329 16.40 -7.85 11.85
N GLN A 330 16.78 -7.08 10.83
CA GLN A 330 16.04 -5.89 10.45
C GLN A 330 15.60 -5.97 9.01
N PRO A 331 14.31 -6.20 8.81
CA PRO A 331 13.71 -6.07 7.49
C PRO A 331 14.04 -4.69 6.92
N GLY A 332 14.26 -4.57 5.63
CA GLY A 332 14.66 -3.29 5.04
C GLY A 332 16.16 -3.05 5.03
N ASP A 333 16.92 -3.77 5.84
CA ASP A 333 18.35 -3.62 5.82
C ASP A 333 18.96 -4.61 4.82
N PRO A 334 19.59 -4.11 3.73
CA PRO A 334 19.97 -5.03 2.67
C PRO A 334 20.97 -6.06 3.13
N ASP A 335 21.80 -5.76 4.12
CA ASP A 335 22.78 -6.74 4.57
C ASP A 335 22.12 -7.79 5.43
N TRP A 336 21.15 -7.40 6.24
CA TRP A 336 20.38 -8.37 7.02
C TRP A 336 19.60 -9.28 6.07
N GLU A 337 18.99 -8.72 5.04
CA GLU A 337 18.22 -9.54 4.14
C GLU A 337 19.10 -10.62 3.45
N GLU A 338 20.22 -10.19 2.90
CA GLU A 338 21.15 -11.11 2.24
C GLU A 338 21.65 -12.13 3.23
N LEU A 339 21.94 -11.68 4.43
CA LEU A 339 22.43 -12.59 5.44
C LEU A 339 21.39 -13.66 5.80
N LEU A 340 20.13 -13.26 5.91
CA LEU A 340 19.08 -14.23 6.20
C LEU A 340 19.03 -15.27 5.05
N PHE A 341 19.12 -14.75 3.83
CA PHE A 341 19.11 -15.57 2.65
C PHE A 341 20.24 -16.61 2.67
N LYS A 342 21.47 -16.16 2.98
CA LYS A 342 22.57 -17.12 3.02
C LYS A 342 22.35 -18.17 4.10
N LEU A 343 22.02 -17.70 5.30
CA LEU A 343 21.77 -18.52 6.47
C LEU A 343 20.72 -19.58 6.16
N TRP A 344 19.60 -19.16 5.59
CA TRP A 344 18.53 -20.07 5.28
C TRP A 344 19.00 -21.05 4.16
N THR A 345 19.65 -20.51 3.13
CA THR A 345 20.24 -21.33 2.10
C THR A 345 21.10 -22.45 2.67
N THR A 346 21.98 -22.16 3.62
CA THR A 346 22.76 -23.26 4.16
C THR A 346 21.91 -24.30 4.84
N ARG A 347 20.86 -23.85 5.52
CA ARG A 347 19.97 -24.80 6.23
C ARG A 347 19.31 -25.71 5.20
N VAL A 348 18.85 -25.12 4.11
CA VAL A 348 18.19 -25.87 3.10
C VAL A 348 19.15 -26.95 2.54
N LEU A 349 20.39 -26.54 2.25
CA LEU A 349 21.37 -27.44 1.67
C LEU A 349 21.65 -28.54 2.65
N ASN A 350 21.80 -28.17 3.90
CA ASN A 350 22.04 -29.19 4.89
C ASN A 350 20.93 -30.26 4.86
N TYR A 351 19.69 -29.80 4.79
CA TYR A 351 18.58 -30.66 4.92
C TYR A 351 18.58 -31.55 3.71
N THR A 352 18.88 -30.95 2.55
CA THR A 352 18.91 -31.65 1.29
C THR A 352 19.92 -32.82 1.30
N MET A 353 21.18 -32.54 1.64
CA MET A 353 22.22 -33.57 1.58
C MET A 353 22.17 -34.58 2.72
N THR A 354 21.71 -34.19 3.91
CA THR A 354 21.78 -35.10 5.08
C THR A 354 20.45 -35.76 5.35
N VAL A 355 19.36 -35.22 4.80
CA VAL A 355 18.03 -35.76 5.05
C VAL A 355 17.27 -36.13 3.77
N ALA A 356 17.12 -35.19 2.83
CA ALA A 356 16.21 -35.42 1.69
C ALA A 356 16.73 -36.49 0.76
N LEU A 357 18.04 -36.62 0.76
CA LEU A 357 18.73 -37.50 -0.13
C LEU A 357 18.61 -38.89 0.44
N ARG A 358 18.14 -39.02 1.69
CA ARG A 358 17.84 -40.32 2.23
C ARG A 358 16.44 -40.85 1.84
N GLY A 359 15.64 -40.04 1.15
CA GLY A 359 14.37 -40.55 0.67
C GLY A 359 13.15 -39.80 1.16
N TYR A 360 12.12 -39.87 0.34
CA TYR A 360 10.89 -39.18 0.60
C TYR A 360 10.33 -39.38 2.02
N ASP A 361 10.19 -40.63 2.42
CA ASP A 361 9.58 -40.96 3.68
C ASP A 361 10.46 -40.50 4.79
N TYR A 362 11.76 -40.67 4.58
CA TYR A 362 12.70 -40.34 5.60
C TYR A 362 12.61 -38.83 5.85
N ALA A 363 12.73 -38.06 4.78
CA ALA A 363 12.66 -36.63 4.88
C ALA A 363 11.38 -36.15 5.57
N GLN A 364 10.22 -36.67 5.17
CA GLN A 364 8.97 -36.34 5.82
C GLN A 364 8.93 -36.62 7.32
N GLN A 365 9.42 -37.80 7.70
CA GLN A 365 9.43 -38.18 9.10
C GLN A 365 10.32 -37.18 9.79
N TYR A 366 11.41 -36.83 9.13
CA TYR A 366 12.39 -35.96 9.75
C TYR A 366 11.72 -34.61 10.08
N LEU A 367 11.00 -34.06 9.10
CA LEU A 367 10.41 -32.76 9.27
C LEU A 367 9.45 -32.72 10.46
N TYR A 368 8.54 -33.66 10.56
CA TYR A 368 7.64 -33.69 11.72
C TYR A 368 8.33 -33.83 13.05
N ARG A 369 9.36 -34.68 13.09
CA ARG A 369 10.13 -34.92 14.30
C ARG A 369 10.92 -33.69 14.67
N MET A 370 11.31 -32.92 13.66
CA MET A 370 12.03 -31.68 13.87
C MET A 370 11.13 -30.73 14.66
N LEU A 371 9.91 -30.52 14.18
CA LEU A 371 8.99 -29.63 14.82
C LEU A 371 8.75 -30.05 16.27
N GLY A 372 8.48 -31.33 16.48
CA GLY A 372 8.36 -31.88 17.82
C GLY A 372 9.57 -31.61 18.70
N ARG A 373 10.78 -31.82 18.18
CA ARG A 373 11.93 -31.55 18.99
C ARG A 373 11.97 -30.05 19.37
N TYR A 374 11.65 -29.18 18.41
CA TYR A 374 11.59 -27.75 18.66
C TYR A 374 10.56 -27.36 19.72
N ARG A 375 9.39 -27.99 19.66
CA ARG A 375 8.33 -27.73 20.62
C ARG A 375 8.76 -28.07 22.04
N TYR A 376 9.29 -29.27 22.22
CA TYR A 376 9.77 -29.71 23.53
C TYR A 376 10.86 -28.83 24.08
N GLN A 377 11.80 -28.49 23.22
CA GLN A 377 12.94 -27.67 23.59
C GLN A 377 12.44 -26.29 24.07
N ALA A 378 11.54 -25.68 23.32
CA ALA A 378 10.96 -24.38 23.68
C ALA A 378 10.19 -24.42 24.99
N ALA A 379 9.48 -25.52 25.25
CA ALA A 379 8.66 -25.66 26.46
C ALA A 379 9.45 -25.80 27.75
N LEU A 380 10.68 -26.35 27.66
CA LEU A 380 11.65 -26.38 28.77
C LEU A 380 12.21 -25.01 29.20
N GLU A 381 12.32 -24.07 28.25
CA GLU A 381 12.71 -22.65 28.49
C GLU A 381 13.74 -22.40 29.62
N SER B 2 -15.10 24.97 -23.40
CA SER B 2 -14.03 24.58 -22.44
C SER B 2 -14.29 23.21 -21.85
N LEU B 3 -13.21 22.50 -21.52
CA LEU B 3 -13.33 21.19 -20.88
C LEU B 3 -13.31 21.27 -19.34
N VAL B 4 -14.32 20.70 -18.71
CA VAL B 4 -14.34 20.51 -17.26
C VAL B 4 -14.16 19.03 -16.92
N VAL B 5 -13.13 18.72 -16.13
CA VAL B 5 -12.80 17.35 -15.74
C VAL B 5 -13.13 17.15 -14.27
N PHE B 6 -13.71 16.00 -13.93
CA PHE B 6 -13.88 15.63 -12.53
C PHE B 6 -13.21 14.28 -12.36
N PRO B 7 -12.07 14.24 -11.68
CA PRO B 7 -11.39 13.00 -11.34
C PRO B 7 -12.03 12.33 -10.15
N PHE B 8 -12.28 11.03 -10.22
CA PHE B 8 -12.94 10.31 -9.12
C PHE B 8 -12.41 8.90 -8.93
N LYS B 9 -12.43 8.46 -7.68
CA LYS B 9 -12.09 7.10 -7.30
C LYS B 9 -13.36 6.41 -6.75
N HIS B 10 -13.64 6.58 -5.46
CA HIS B 10 -14.88 6.06 -4.89
C HIS B 10 -15.60 7.22 -4.30
N GLU B 11 -16.68 7.62 -4.95
CA GLU B 11 -17.48 8.76 -4.49
C GLU B 11 -18.94 8.33 -4.48
N HIS B 12 -19.73 8.87 -3.54
CA HIS B 12 -21.19 8.73 -3.62
C HIS B 12 -21.65 9.42 -4.92
N PRO B 13 -22.38 8.69 -5.80
CA PRO B 13 -22.72 9.20 -7.15
C PRO B 13 -23.67 10.42 -7.19
N GLU B 14 -24.59 10.50 -6.23
CA GLU B 14 -25.49 11.67 -6.05
C GLU B 14 -24.71 12.99 -5.99
N VAL B 15 -23.46 12.89 -5.52
CA VAL B 15 -22.59 14.03 -5.23
C VAL B 15 -21.83 14.45 -6.48
N LEU B 16 -21.13 13.50 -7.10
CA LEU B 16 -20.42 13.78 -8.35
C LEU B 16 -21.36 14.24 -9.47
N LEU B 17 -22.48 13.53 -9.61
CA LEU B 17 -23.49 13.88 -10.59
C LEU B 17 -24.01 15.31 -10.40
N HIS B 18 -24.32 15.67 -9.16
CA HIS B 18 -24.74 17.04 -8.90
C HIS B 18 -23.78 18.00 -9.61
N ASN B 19 -22.49 17.85 -9.33
CA ASN B 19 -21.47 18.72 -9.89
C ASN B 19 -21.45 18.74 -11.41
N VAL B 20 -21.56 17.55 -12.01
CA VAL B 20 -21.45 17.43 -13.45
C VAL B 20 -22.69 18.07 -14.09
N ARG B 21 -23.83 17.99 -13.40
CA ARG B 21 -25.01 18.75 -13.82
C ARG B 21 -24.67 20.23 -13.91
N VAL B 22 -24.13 20.76 -12.82
CA VAL B 22 -23.85 22.17 -12.73
C VAL B 22 -22.91 22.61 -13.86
N ALA B 23 -21.86 21.81 -14.06
CA ALA B 23 -20.84 22.16 -15.02
C ALA B 23 -21.44 22.12 -16.41
N ALA B 24 -22.35 21.17 -16.61
CA ALA B 24 -22.87 20.92 -17.94
C ALA B 24 -23.86 22.05 -18.34
N ALA B 25 -24.47 22.65 -17.32
CA ALA B 25 -25.42 23.76 -17.47
C ALA B 25 -24.72 25.09 -17.78
N HIS B 26 -23.46 25.23 -17.37
CA HIS B 26 -22.72 26.48 -17.56
C HIS B 26 -22.52 26.88 -19.03
N PRO B 27 -22.92 28.13 -19.37
CA PRO B 27 -22.76 28.75 -20.69
C PRO B 27 -21.38 28.61 -21.33
N ARG B 28 -20.33 28.50 -20.53
CA ARG B 28 -18.98 28.61 -21.13
C ARG B 28 -18.30 27.26 -21.27
N VAL B 29 -19.07 26.20 -21.03
CA VAL B 29 -18.56 24.84 -21.00
C VAL B 29 -18.95 24.03 -22.25
N HIS B 30 -17.93 23.59 -22.97
CA HIS B 30 -18.13 22.78 -24.16
C HIS B 30 -18.26 21.26 -23.89
N GLU B 31 -17.50 20.73 -22.93
CA GLU B 31 -17.52 19.28 -22.64
C GLU B 31 -17.23 19.02 -21.17
N VAL B 32 -17.89 18.02 -20.62
CA VAL B 32 -17.62 17.58 -19.26
C VAL B 32 -17.06 16.15 -19.29
N LEU B 33 -15.87 15.98 -18.72
CA LEU B 33 -15.21 14.67 -18.63
C LEU B 33 -15.07 14.13 -17.18
N CYS B 34 -15.52 12.92 -16.92
CA CYS B 34 -15.14 12.28 -15.67
C CYS B 34 -14.00 11.31 -15.92
N ILE B 35 -12.97 11.33 -15.09
CA ILE B 35 -11.88 10.44 -15.32
C ILE B 35 -11.70 9.52 -14.12
N GLY B 36 -12.19 8.30 -14.30
CA GLY B 36 -12.36 7.33 -13.21
C GLY B 36 -11.15 6.47 -13.00
N TYR B 37 -11.07 5.92 -11.79
CA TYR B 37 -9.91 5.13 -11.42
C TYR B 37 -10.02 3.70 -11.93
N GLU B 38 -11.24 3.16 -11.85
CA GLU B 38 -11.54 1.84 -12.32
C GLU B 38 -13.04 1.75 -12.57
N ARG B 39 -13.48 0.70 -13.28
CA ARG B 39 -14.90 0.41 -13.48
C ARG B 39 -15.47 -0.19 -12.18
N ASP B 40 -15.87 0.67 -11.25
CA ASP B 40 -16.41 0.26 -9.96
C ASP B 40 -17.86 0.69 -9.81
N GLN B 41 -18.40 0.53 -8.60
CA GLN B 41 -19.71 1.08 -8.20
C GLN B 41 -20.01 2.45 -8.84
N THR B 42 -19.14 3.41 -8.53
CA THR B 42 -19.29 4.81 -8.92
C THR B 42 -19.25 4.96 -10.43
N TYR B 43 -18.22 4.40 -11.06
CA TYR B 43 -18.09 4.45 -12.51
C TYR B 43 -19.42 4.12 -13.19
N GLU B 44 -19.99 2.94 -12.87
CA GLU B 44 -21.20 2.44 -13.53
C GLU B 44 -22.34 3.46 -13.51
N ALA B 45 -22.64 3.97 -12.30
CA ALA B 45 -23.68 5.00 -12.12
C ALA B 45 -23.48 6.19 -13.06
N VAL B 46 -22.24 6.65 -13.15
CA VAL B 46 -21.93 7.78 -14.01
C VAL B 46 -22.20 7.50 -15.48
N GLU B 47 -21.78 6.32 -15.94
CA GLU B 47 -22.00 5.89 -17.33
C GLU B 47 -23.49 5.91 -17.68
N ARG B 48 -24.31 5.45 -16.72
CA ARG B 48 -25.75 5.35 -16.88
C ARG B 48 -26.35 6.74 -16.99
N ALA B 49 -26.09 7.57 -15.96
CA ALA B 49 -26.64 8.92 -15.88
C ALA B 49 -26.17 9.88 -16.99
N ALA B 50 -25.03 9.59 -17.61
CA ALA B 50 -24.33 10.51 -18.51
C ALA B 50 -25.04 10.98 -19.79
N PRO B 51 -25.41 10.04 -20.70
CA PRO B 51 -25.92 10.56 -21.99
C PRO B 51 -27.31 11.18 -21.85
N GLU B 52 -27.98 10.86 -20.73
CA GLU B 52 -29.24 11.45 -20.31
C GLU B 52 -29.03 12.95 -20.05
N ILE B 53 -28.02 13.25 -19.22
CA ILE B 53 -27.62 14.63 -18.90
C ILE B 53 -27.00 15.37 -20.09
N SER B 54 -26.38 14.66 -21.02
CA SER B 54 -25.87 15.29 -22.25
C SER B 54 -27.01 15.74 -23.15
N ARG B 55 -28.16 15.05 -23.00
CA ARG B 55 -29.41 15.37 -23.74
C ARG B 55 -30.11 16.61 -23.15
N ALA B 56 -30.38 16.56 -21.84
CA ALA B 56 -31.06 17.65 -21.12
C ALA B 56 -30.28 18.99 -21.04
N THR B 57 -28.99 18.97 -21.38
CA THR B 57 -28.17 20.20 -21.32
C THR B 57 -27.61 20.61 -22.67
N GLY B 58 -27.32 19.62 -23.51
CA GLY B 58 -26.69 19.88 -24.79
C GLY B 58 -25.18 19.90 -24.67
N THR B 59 -24.67 19.47 -23.52
CA THR B 59 -23.22 19.37 -23.34
C THR B 59 -22.79 17.91 -23.30
N PRO B 60 -21.87 17.53 -24.21
CA PRO B 60 -21.29 16.18 -24.26
C PRO B 60 -20.66 15.80 -22.92
N VAL B 61 -21.03 14.66 -22.37
CA VAL B 61 -20.46 14.21 -21.11
C VAL B 61 -19.78 12.83 -21.27
N SER B 62 -18.46 12.81 -21.33
CA SER B 62 -17.70 11.54 -21.52
C SER B 62 -17.29 10.92 -20.18
N VAL B 63 -17.08 9.60 -20.17
CA VAL B 63 -16.52 8.91 -19.00
C VAL B 63 -15.42 8.00 -19.53
N ARG B 64 -14.29 7.95 -18.84
CA ARG B 64 -13.15 7.23 -19.36
C ARG B 64 -12.36 6.73 -18.21
N LEU B 65 -11.53 5.73 -18.46
CA LEU B 65 -10.67 5.19 -17.43
C LEU B 65 -9.30 5.79 -17.54
N GLN B 66 -8.69 5.98 -16.38
CA GLN B 66 -7.35 6.52 -16.38
C GLN B 66 -6.41 5.48 -16.94
N GLU B 67 -5.43 5.95 -17.70
CA GLU B 67 -4.47 5.11 -18.32
C GLU B 67 -3.15 5.25 -17.58
N ARG B 68 -2.27 4.26 -17.69
CA ARG B 68 -1.01 4.28 -16.96
C ARG B 68 -0.02 5.14 -17.73
N LEU B 69 0.30 6.33 -17.24
CA LEU B 69 1.31 7.14 -17.94
C LEU B 69 2.53 7.39 -17.11
N GLY B 70 2.46 7.03 -15.84
CA GLY B 70 3.54 7.38 -14.95
C GLY B 70 4.34 6.17 -14.57
N THR B 71 5.27 6.35 -13.63
CA THR B 71 6.15 5.30 -13.14
C THR B 71 5.88 4.94 -11.66
N LEU B 72 5.07 5.73 -10.97
CA LEU B 72 4.86 5.52 -9.52
C LEU B 72 3.52 4.85 -9.24
N ARG B 73 3.10 4.76 -7.99
CA ARG B 73 1.81 4.15 -7.77
C ARG B 73 0.75 4.80 -8.66
N PRO B 74 -0.14 4.00 -9.29
CA PRO B 74 -1.34 4.50 -10.00
C PRO B 74 -2.41 5.14 -9.12
N GLY B 75 -2.40 6.47 -9.08
CA GLY B 75 -3.32 7.28 -8.27
C GLY B 75 -3.82 8.45 -9.06
N LYS B 76 -4.05 9.58 -8.40
CA LYS B 76 -4.73 10.70 -9.04
C LYS B 76 -3.90 11.26 -10.18
N GLY B 77 -2.59 11.14 -10.10
CA GLY B 77 -1.71 11.62 -11.16
C GLY B 77 -2.00 11.05 -12.55
N ASP B 78 -2.25 9.74 -12.63
CA ASP B 78 -2.66 9.14 -13.89
C ASP B 78 -4.02 9.72 -14.33
N GLY B 79 -4.98 9.78 -13.39
CA GLY B 79 -6.27 10.38 -13.67
C GLY B 79 -6.14 11.72 -14.38
N MET B 80 -5.37 12.62 -13.79
CA MET B 80 -5.27 13.99 -14.26
C MET B 80 -4.44 14.09 -15.54
N ASN B 81 -3.34 13.37 -15.57
CA ASN B 81 -2.57 13.25 -16.81
C ASN B 81 -3.30 12.60 -18.00
N THR B 82 -4.19 11.65 -17.73
CA THR B 82 -4.96 11.06 -18.79
C THR B 82 -5.89 12.11 -19.35
N ALA B 83 -6.61 12.79 -18.47
CA ALA B 83 -7.47 13.92 -18.86
C ALA B 83 -6.67 14.95 -19.65
N LEU B 84 -5.42 15.14 -19.27
CA LEU B 84 -4.56 15.99 -20.06
C LEU B 84 -4.37 15.47 -21.51
N ARG B 85 -4.17 14.15 -21.68
CA ARG B 85 -4.13 13.53 -23.02
C ARG B 85 -5.46 13.72 -23.75
N TYR B 86 -6.56 13.26 -23.15
CA TYR B 86 -7.85 13.46 -23.78
C TYR B 86 -7.97 14.88 -24.31
N PHE B 87 -7.60 15.85 -23.49
CA PHE B 87 -7.90 17.25 -23.74
C PHE B 87 -7.07 17.71 -24.93
N LEU B 88 -5.81 17.31 -24.96
CA LEU B 88 -4.89 17.78 -25.99
C LEU B 88 -5.04 17.06 -27.34
N GLU B 89 -5.17 15.74 -27.30
CA GLU B 89 -5.07 14.90 -28.50
C GLU B 89 -6.43 14.62 -29.14
N GLU B 90 -7.50 14.81 -28.38
CA GLU B 90 -8.81 14.35 -28.77
C GLU B 90 -9.92 15.40 -28.69
N THR B 91 -9.57 16.63 -28.31
CA THR B 91 -10.51 17.76 -28.39
C THR B 91 -9.76 18.96 -28.89
N GLN B 92 -10.54 19.96 -29.30
CA GLN B 92 -10.02 21.20 -29.86
C GLN B 92 -10.09 22.38 -28.83
N TRP B 93 -10.59 22.09 -27.63
CA TRP B 93 -10.96 23.13 -26.65
C TRP B 93 -9.79 23.98 -26.17
N GLU B 94 -10.12 25.19 -25.73
CA GLU B 94 -9.14 26.20 -25.38
C GLU B 94 -8.58 26.07 -23.97
N ARG B 95 -9.47 25.76 -23.05
CA ARG B 95 -9.17 25.73 -21.62
C ARG B 95 -9.63 24.43 -20.98
N ILE B 96 -8.86 23.95 -20.03
CA ILE B 96 -9.30 22.83 -19.20
C ILE B 96 -9.49 23.25 -17.74
N HIS B 97 -10.58 22.79 -17.11
CA HIS B 97 -10.80 22.97 -15.67
C HIS B 97 -10.64 21.61 -14.99
N PHE B 98 -10.19 21.61 -13.75
CA PHE B 98 -10.31 20.46 -12.84
C PHE B 98 -11.03 20.86 -11.57
N TYR B 99 -11.96 20.03 -11.13
CA TYR B 99 -12.55 20.16 -9.81
C TYR B 99 -12.69 18.78 -9.24
N ASP B 100 -12.32 18.61 -7.98
CA ASP B 100 -12.50 17.36 -7.28
C ASP B 100 -13.95 16.94 -7.32
N ALA B 101 -14.18 15.63 -7.37
CA ALA B 101 -15.52 15.08 -7.41
C ALA B 101 -16.31 15.26 -6.10
N ASP B 102 -15.64 15.14 -4.96
CA ASP B 102 -16.35 15.05 -3.68
C ASP B 102 -16.88 16.37 -3.11
N ILE B 103 -16.69 17.45 -3.87
CA ILE B 103 -17.15 18.81 -3.51
C ILE B 103 -18.66 18.90 -3.41
N THR B 104 -19.14 19.59 -2.38
CA THR B 104 -20.59 19.75 -2.13
C THR B 104 -21.05 21.21 -2.15
N SER B 105 -20.10 22.14 -2.28
CA SER B 105 -20.44 23.57 -2.32
C SER B 105 -20.21 24.19 -3.70
N PHE B 106 -20.02 23.33 -4.69
CA PHE B 106 -19.77 23.75 -6.07
C PHE B 106 -20.94 24.52 -6.66
N GLY B 107 -20.64 25.52 -7.48
CA GLY B 107 -21.68 26.29 -8.19
C GLY B 107 -21.07 26.86 -9.46
N PRO B 108 -21.90 27.48 -10.31
CA PRO B 108 -21.43 28.00 -11.62
C PRO B 108 -20.41 29.15 -11.47
N ASP B 109 -20.53 29.89 -10.38
CA ASP B 109 -19.58 30.93 -10.00
CA ASP B 109 -19.56 30.94 -10.10
C ASP B 109 -18.11 30.47 -10.15
N TRP B 110 -17.82 29.27 -9.65
CA TRP B 110 -16.45 28.75 -9.66
C TRP B 110 -15.95 28.76 -11.08
N ILE B 111 -16.82 28.36 -12.01
CA ILE B 111 -16.42 28.25 -13.37
C ILE B 111 -16.26 29.65 -13.95
N THR B 112 -17.30 30.47 -13.76
CA THR B 112 -17.28 31.86 -14.22
C THR B 112 -16.00 32.54 -13.78
N LYS B 113 -15.70 32.46 -12.49
CA LYS B 113 -14.53 33.15 -11.96
C LYS B 113 -13.25 32.74 -12.67
N ALA B 114 -13.02 31.45 -12.84
CA ALA B 114 -11.81 30.98 -13.53
C ALA B 114 -11.81 31.46 -14.97
N GLU B 115 -12.96 31.34 -15.62
CA GLU B 115 -13.08 31.75 -17.00
C GLU B 115 -12.70 33.22 -17.20
N GLU B 116 -13.32 34.08 -16.40
CA GLU B 116 -13.06 35.50 -16.49
C GLU B 116 -11.61 35.86 -16.14
N ALA B 117 -10.98 35.11 -15.24
CA ALA B 117 -9.58 35.37 -14.94
C ALA B 117 -8.70 35.08 -16.15
N ALA B 118 -9.06 34.02 -16.86
CA ALA B 118 -8.27 33.60 -18.02
C ALA B 118 -8.47 34.65 -19.11
N ASP B 119 -9.71 35.12 -19.26
CA ASP B 119 -10.01 36.19 -20.19
C ASP B 119 -9.03 37.32 -19.95
N PHE B 120 -8.84 37.67 -18.67
CA PHE B 120 -7.90 38.72 -18.25
C PHE B 120 -6.41 38.49 -18.61
N GLY B 121 -5.99 37.25 -18.85
CA GLY B 121 -4.60 37.06 -19.29
C GLY B 121 -3.84 35.93 -18.64
N TYR B 122 -4.37 35.40 -17.54
CA TYR B 122 -3.64 34.40 -16.77
C TYR B 122 -3.64 33.08 -17.51
N GLY B 123 -2.51 32.38 -17.41
CA GLY B 123 -2.37 31.06 -17.97
C GLY B 123 -2.92 29.97 -17.08
N LEU B 124 -2.72 30.09 -15.76
CA LEU B 124 -3.25 29.13 -14.78
C LEU B 124 -4.13 29.89 -13.83
N VAL B 125 -5.22 29.28 -13.42
CA VAL B 125 -5.97 29.88 -12.32
C VAL B 125 -6.18 28.84 -11.23
N ARG B 126 -5.75 29.12 -10.01
CA ARG B 126 -6.00 28.19 -8.92
C ARG B 126 -7.13 28.70 -8.07
N HIS B 127 -8.05 27.84 -7.66
CA HIS B 127 -9.08 28.21 -6.70
C HIS B 127 -8.55 27.91 -5.32
N TYR B 128 -8.61 28.88 -4.39
CA TYR B 128 -8.25 28.63 -2.97
C TYR B 128 -9.38 28.99 -2.04
N PHE B 129 -9.32 28.45 -0.84
CA PHE B 129 -10.50 28.31 0.04
C PHE B 129 -10.14 28.67 1.48
N PRO B 130 -11.11 29.17 2.25
CA PRO B 130 -10.80 29.37 3.68
C PRO B 130 -10.49 28.03 4.31
N ARG B 131 -9.66 28.06 5.36
CA ARG B 131 -9.24 26.84 6.04
C ARG B 131 -9.37 26.89 7.57
N ALA B 132 -9.64 25.74 8.17
CA ALA B 132 -9.57 25.67 9.64
C ALA B 132 -8.11 25.64 10.05
N SER B 133 -7.80 26.10 11.25
CA SER B 133 -6.43 26.22 11.67
C SER B 133 -5.69 24.86 11.78
N THR B 134 -6.41 23.74 11.86
CA THR B 134 -5.74 22.41 11.86
C THR B 134 -5.83 21.63 10.52
N ASP B 135 -6.45 22.26 9.53
CA ASP B 135 -6.52 21.74 8.20
C ASP B 135 -5.25 22.05 7.46
N ALA B 136 -5.03 21.29 6.39
CA ALA B 136 -3.96 21.55 5.42
C ALA B 136 -2.56 21.40 5.99
N MET B 137 -2.39 20.45 6.88
CA MET B 137 -1.08 20.31 7.51
C MET B 137 -0.01 19.75 6.58
N ILE B 138 -0.43 19.11 5.50
CA ILE B 138 0.56 18.62 4.55
C ILE B 138 1.02 19.83 3.75
N THR B 139 0.03 20.53 3.23
CA THR B 139 0.26 21.79 2.55
C THR B 139 1.28 22.66 3.29
N TRP B 140 1.06 22.88 4.59
CA TRP B 140 1.90 23.82 5.30
C TRP B 140 3.24 23.27 5.72
N MET B 141 3.24 22.07 6.29
CA MET B 141 4.44 21.57 6.92
C MET B 141 5.28 20.83 5.93
N ILE B 142 4.70 20.44 4.81
CA ILE B 142 5.47 19.69 3.83
C ILE B 142 5.76 20.49 2.58
N THR B 143 4.70 20.93 1.90
CA THR B 143 4.87 21.49 0.58
C THR B 143 5.36 22.92 0.61
N ARG B 144 4.62 23.80 1.30
CA ARG B 144 5.02 25.22 1.39
C ARG B 144 6.35 25.32 2.15
N THR B 145 6.53 24.52 3.21
CA THR B 145 7.79 24.51 3.93
C THR B 145 8.93 24.18 2.97
N GLY B 146 8.78 23.07 2.23
CA GLY B 146 9.84 22.63 1.34
C GLY B 146 10.16 23.67 0.27
N PHE B 147 9.11 24.16 -0.41
CA PHE B 147 9.25 25.25 -1.34
C PHE B 147 10.02 26.42 -0.70
N ALA B 148 9.68 26.76 0.54
CA ALA B 148 10.33 27.89 1.13
C ALA B 148 11.80 27.60 1.37
N LEU B 149 12.13 26.36 1.75
CA LEU B 149 13.49 26.04 2.10
C LEU B 149 14.39 25.80 0.90
N LEU B 150 13.81 25.50 -0.25
CA LEU B 150 14.57 25.08 -1.43
C LEU B 150 14.60 26.12 -2.53
N TRP B 151 13.58 26.98 -2.56
CA TRP B 151 13.46 28.04 -3.56
C TRP B 151 12.94 29.34 -2.91
N PRO B 152 13.67 29.85 -1.91
CA PRO B 152 13.18 30.97 -1.14
C PRO B 152 12.92 32.21 -1.97
N HIS B 153 13.50 32.32 -3.16
CA HIS B 153 13.44 33.55 -3.95
C HIS B 153 12.33 33.47 -4.97
N THR B 154 11.78 32.28 -5.14
CA THR B 154 10.78 32.09 -6.19
C THR B 154 9.38 32.31 -5.67
N GLU B 155 8.41 32.31 -6.56
CA GLU B 155 7.04 32.44 -6.17
C GLU B 155 6.48 31.17 -5.51
N LEU B 156 7.21 30.05 -5.54
CA LEU B 156 6.66 28.75 -5.15
C LEU B 156 5.97 28.70 -3.77
N SER B 157 6.67 29.15 -2.74
CA SER B 157 6.14 29.01 -1.41
C SER B 157 5.03 30.02 -1.15
N TRP B 158 4.82 30.90 -2.13
CA TRP B 158 3.76 31.89 -2.03
C TRP B 158 2.46 31.41 -2.60
N ILE B 159 2.43 30.24 -3.25
CA ILE B 159 1.16 29.71 -3.75
C ILE B 159 0.35 29.31 -2.53
N GLU B 160 -0.90 29.75 -2.46
CA GLU B 160 -1.72 29.52 -1.26
C GLU B 160 -2.02 28.06 -0.96
N GLN B 161 -2.34 27.31 -1.99
CA GLN B 161 -2.76 25.93 -1.85
C GLN B 161 -2.20 25.15 -3.03
N PRO B 162 -0.89 24.86 -2.95
CA PRO B 162 -0.14 24.22 -4.00
C PRO B 162 -0.60 22.77 -4.27
N LEU B 163 -1.36 22.18 -3.34
CA LEU B 163 -1.87 20.83 -3.48
C LEU B 163 -3.31 20.88 -3.95
N GLY B 164 -3.77 22.08 -4.28
CA GLY B 164 -5.19 22.28 -4.63
C GLY B 164 -5.56 21.60 -5.93
N GLY B 165 -6.65 20.86 -5.93
CA GLY B 165 -7.10 20.19 -7.14
C GLY B 165 -8.10 20.97 -8.00
N GLU B 166 -8.42 22.21 -7.61
CA GLU B 166 -9.34 23.07 -8.39
C GLU B 166 -8.52 24.13 -9.11
N LEU B 167 -8.52 24.03 -10.44
CA LEU B 167 -7.76 24.94 -11.24
C LEU B 167 -8.27 24.98 -12.67
N LEU B 168 -7.76 25.95 -13.44
CA LEU B 168 -7.98 26.05 -14.86
C LEU B 168 -6.65 26.34 -15.56
N MET B 169 -6.40 25.67 -16.68
CA MET B 169 -5.24 25.92 -17.53
C MET B 169 -5.65 26.26 -18.96
N ARG B 170 -4.93 27.18 -19.59
CA ARG B 170 -4.99 27.42 -21.03
C ARG B 170 -4.40 26.21 -21.76
N ARG B 171 -4.85 25.99 -23.00
CA ARG B 171 -4.30 24.89 -23.83
C ARG B 171 -2.78 24.77 -23.78
N GLU B 172 -2.08 25.89 -23.99
CA GLU B 172 -0.60 25.92 -24.01
C GLU B 172 0.06 25.42 -22.72
N VAL B 173 -0.65 25.57 -21.59
CA VAL B 173 -0.12 25.22 -20.28
C VAL B 173 -0.31 23.73 -20.08
N ALA B 174 -1.51 23.26 -20.39
CA ALA B 174 -1.79 21.84 -20.37
C ALA B 174 -0.71 21.09 -21.15
N ALA B 175 -0.38 21.56 -22.35
CA ALA B 175 0.58 20.92 -23.25
C ALA B 175 1.96 20.90 -22.65
N MET B 176 2.45 22.06 -22.23
CA MET B 176 3.76 22.15 -21.59
C MET B 176 3.91 21.14 -20.45
N LEU B 177 2.81 20.92 -19.71
CA LEU B 177 2.80 20.00 -18.58
C LEU B 177 2.75 18.56 -19.04
N TYR B 178 1.98 18.30 -20.09
CA TYR B 178 1.92 16.96 -20.64
C TYR B 178 3.26 16.50 -21.18
N GLU B 179 4.02 17.42 -21.77
CA GLU B 179 5.36 17.14 -22.30
C GLU B 179 6.35 16.79 -21.23
N ASP B 180 6.08 17.21 -20.00
CA ASP B 180 7.11 17.17 -18.98
C ASP B 180 7.25 15.77 -18.38
N GLU B 181 8.46 15.24 -18.50
CA GLU B 181 8.78 13.90 -18.02
C GLU B 181 8.44 13.74 -16.54
N ARG B 182 8.80 14.76 -15.74
CA ARG B 182 8.55 14.77 -14.28
C ARG B 182 7.09 14.71 -13.97
N VAL B 183 6.29 15.51 -14.68
CA VAL B 183 4.86 15.59 -14.45
C VAL B 183 4.19 14.26 -14.82
N ARG B 184 4.55 13.78 -16.01
CA ARG B 184 4.07 12.51 -16.57
C ARG B 184 4.27 11.33 -15.60
N ARG B 185 5.48 11.21 -15.05
CA ARG B 185 5.83 10.23 -14.01
C ARG B 185 4.87 10.22 -12.82
N ARG B 186 4.42 11.39 -12.39
CA ARG B 186 3.78 11.50 -11.08
C ARG B 186 2.36 10.95 -11.05
N SER B 187 2.25 9.64 -11.04
CA SER B 187 0.97 8.96 -11.13
C SER B 187 0.22 9.02 -9.81
N ASP B 188 0.94 9.30 -8.73
CA ASP B 188 0.37 9.21 -7.37
C ASP B 188 -0.23 10.53 -6.88
N TRP B 189 -0.36 10.74 -5.56
CA TRP B 189 -0.79 12.05 -5.02
C TRP B 189 0.15 13.23 -5.33
N GLY B 190 1.35 12.98 -5.84
CA GLY B 190 2.29 14.06 -6.12
C GLY B 190 1.96 14.94 -7.31
N ILE B 191 0.86 14.62 -8.00
CA ILE B 191 0.53 15.33 -9.22
C ILE B 191 0.39 16.82 -8.95
N ASP B 192 -0.41 17.18 -7.96
CA ASP B 192 -0.71 18.59 -7.74
C ASP B 192 0.58 19.34 -7.44
N THR B 193 1.45 18.72 -6.66
CA THR B 193 2.72 19.34 -6.36
C THR B 193 3.45 19.66 -7.65
N LEU B 194 3.54 18.66 -8.54
CA LEU B 194 4.27 18.81 -9.80
C LEU B 194 3.64 19.86 -10.72
N TYR B 195 2.32 19.85 -10.86
CA TYR B 195 1.64 20.94 -11.61
C TYR B 195 2.01 22.32 -11.01
N THR B 196 1.99 22.41 -9.70
CA THR B 196 2.31 23.67 -9.10
C THR B 196 3.75 24.04 -9.43
N PHE B 197 4.67 23.12 -9.22
CA PHE B 197 6.08 23.43 -9.40
C PHE B 197 6.36 23.81 -10.85
N VAL B 198 5.84 23.02 -11.77
CA VAL B 198 6.23 23.17 -13.15
C VAL B 198 5.63 24.41 -13.81
N THR B 199 4.35 24.66 -13.56
CA THR B 199 3.76 25.92 -14.01
C THR B 199 4.58 27.11 -13.50
N VAL B 200 5.02 27.06 -12.25
CA VAL B 200 5.77 28.20 -11.74
C VAL B 200 7.17 28.31 -12.36
N ALA B 201 7.90 27.19 -12.46
CA ALA B 201 9.28 27.21 -13.01
C ALA B 201 9.34 27.65 -14.46
N ALA B 202 8.23 27.42 -15.18
CA ALA B 202 8.05 27.77 -16.59
C ALA B 202 7.51 29.20 -16.81
N GLY B 203 7.26 29.93 -15.72
CA GLY B 203 6.82 31.31 -15.81
C GLY B 203 5.41 31.45 -16.35
N VAL B 204 4.61 30.41 -16.24
CA VAL B 204 3.16 30.59 -16.46
C VAL B 204 2.62 31.72 -15.56
N SER B 205 1.74 32.56 -16.11
CA SER B 205 1.27 33.61 -15.27
C SER B 205 0.08 33.04 -14.47
N ILE B 206 0.06 33.24 -13.15
CA ILE B 206 -0.93 32.59 -12.24
C ILE B 206 -1.83 33.52 -11.42
N TYR B 207 -3.12 33.28 -11.47
CA TYR B 207 -4.01 33.96 -10.54
C TYR B 207 -4.68 32.95 -9.60
N GLU B 208 -4.83 33.33 -8.32
CA GLU B 208 -5.55 32.46 -7.36
C GLU B 208 -6.83 33.16 -7.02
N CYS B 209 -7.97 32.55 -7.31
CA CYS B 209 -9.18 33.22 -6.88
C CYS B 209 -9.79 32.53 -5.69
N TYR B 210 -10.52 33.31 -4.89
CA TYR B 210 -10.93 32.91 -3.56
C TYR B 210 -12.39 32.51 -3.64
N ILE B 211 -12.68 31.33 -3.10
CA ILE B 211 -14.05 30.86 -3.03
C ILE B 211 -14.50 30.96 -1.58
N PRO B 212 -15.42 31.87 -1.26
CA PRO B 212 -15.74 32.19 0.14
C PRO B 212 -16.48 31.09 0.89
N GLU B 213 -17.52 30.47 0.29
CA GLU B 213 -18.08 29.27 0.88
C GLU B 213 -16.87 28.39 0.85
N GLY B 214 -16.66 27.56 1.85
CA GLY B 214 -15.42 26.79 1.81
C GLY B 214 -15.46 25.71 0.74
N LYS B 215 -14.46 24.83 0.78
CA LYS B 215 -14.51 23.58 0.03
C LYS B 215 -14.91 22.49 1.01
N ALA B 216 -16.21 22.16 1.02
CA ALA B 216 -16.73 21.02 1.79
C ALA B 216 -16.52 19.71 0.99
N HIS B 217 -15.86 18.74 1.64
CA HIS B 217 -15.50 17.44 1.03
C HIS B 217 -15.35 16.34 2.11
N ARG B 218 -15.10 15.08 1.70
CA ARG B 218 -14.80 13.97 2.64
C ARG B 218 -13.89 14.39 3.86
N LEU B 219 -14.18 13.87 5.06
CA LEU B 219 -13.45 14.27 6.30
C LEU B 219 -12.56 13.14 6.90
N TYR B 220 -11.68 13.52 7.84
CA TYR B 220 -10.56 12.64 8.30
C TYR B 220 -10.35 12.59 9.85
N GLY B 221 -10.70 11.43 10.46
CA GLY B 221 -10.51 11.13 11.90
C GLY B 221 -9.09 11.22 12.50
N GLY B 222 -8.27 10.18 12.39
CA GLY B 222 -6.88 10.27 12.86
C GLY B 222 -5.95 10.67 11.73
N LEU B 223 -4.76 11.13 12.09
CA LEU B 223 -3.80 11.58 11.09
C LEU B 223 -3.35 10.54 10.05
N ASP B 224 -3.49 9.25 10.38
CA ASP B 224 -3.02 8.18 9.49
C ASP B 224 -3.84 7.99 8.22
N ASP B 225 -4.95 8.70 8.14
CA ASP B 225 -5.70 8.73 6.87
C ASP B 225 -4.92 9.51 5.78
N LEU B 226 -3.99 10.34 6.24
CA LEU B 226 -3.25 11.19 5.34
C LEU B 226 -1.87 10.63 5.03
N ARG B 227 -1.64 9.42 5.51
CA ARG B 227 -0.31 8.84 5.52
C ARG B 227 0.21 8.61 4.09
N THR B 228 -0.58 7.94 3.25
CA THR B 228 -0.11 7.73 1.90
C THR B 228 0.20 9.10 1.27
N MET B 229 -0.76 10.02 1.37
CA MET B 229 -0.60 11.37 0.83
C MET B 229 0.67 12.01 1.37
N LEU B 230 0.84 11.93 2.68
CA LEU B 230 2.00 12.53 3.28
C LEU B 230 3.27 12.07 2.58
N VAL B 231 3.43 10.77 2.39
CA VAL B 231 4.73 10.30 1.91
C VAL B 231 4.88 10.67 0.45
N GLU B 232 3.79 10.59 -0.29
CA GLU B 232 3.90 10.90 -1.70
C GLU B 232 4.18 12.36 -1.94
N CYS B 233 3.51 13.23 -1.18
CA CYS B 233 3.77 14.64 -1.27
C CYS B 233 5.17 14.97 -0.81
N PHE B 234 5.67 14.30 0.20
CA PHE B 234 7.04 14.60 0.54
C PHE B 234 7.99 14.14 -0.53
N ALA B 235 7.74 12.96 -1.09
CA ALA B 235 8.60 12.38 -2.10
C ALA B 235 8.62 13.27 -3.34
N ALA B 236 7.45 13.85 -3.67
CA ALA B 236 7.37 14.76 -4.80
C ALA B 236 8.35 15.89 -4.56
N ILE B 237 8.32 16.48 -3.38
CA ILE B 237 9.23 17.58 -3.12
C ILE B 237 10.66 17.05 -3.22
N GLN B 238 10.92 15.88 -2.65
CA GLN B 238 12.28 15.39 -2.57
C GLN B 238 12.84 15.21 -3.97
N SER B 239 11.99 14.74 -4.89
CA SER B 239 12.40 14.38 -6.24
C SER B 239 12.77 15.63 -7.02
N LEU B 240 12.23 16.77 -6.60
CA LEU B 240 12.51 18.04 -7.27
C LEU B 240 13.67 18.78 -6.64
N GLN B 241 14.19 18.26 -5.55
CA GLN B 241 15.13 19.06 -4.74
C GLN B 241 16.33 19.70 -5.47
N HIS B 242 16.69 19.18 -6.66
CA HIS B 242 17.88 19.68 -7.38
C HIS B 242 17.49 20.52 -8.58
N GLU B 243 16.19 20.62 -8.84
CA GLU B 243 15.69 21.36 -9.99
C GLU B 243 15.99 22.84 -9.85
N VAL B 244 15.90 23.56 -10.95
CA VAL B 244 16.17 24.99 -10.91
C VAL B 244 14.97 25.77 -11.44
N VAL B 245 14.63 26.85 -10.77
CA VAL B 245 13.56 27.71 -11.25
C VAL B 245 14.26 28.83 -11.95
N GLY B 246 14.05 28.91 -13.24
CA GLY B 246 14.93 29.71 -14.08
C GLY B 246 14.40 31.10 -14.37
N GLN B 247 13.18 31.36 -13.89
CA GLN B 247 12.46 32.55 -14.31
C GLN B 247 11.35 32.97 -13.35
N PRO B 248 11.01 34.26 -13.37
CA PRO B 248 9.93 34.80 -12.57
C PRO B 248 8.61 34.41 -13.21
N ALA B 249 7.52 34.82 -12.57
CA ALA B 249 6.16 34.53 -12.98
C ALA B 249 5.27 35.63 -12.37
N ILE B 250 4.38 36.24 -13.17
CA ILE B 250 3.36 37.12 -12.62
C ILE B 250 2.46 36.24 -11.75
N HIS B 251 2.18 36.66 -10.52
CA HIS B 251 1.37 35.85 -9.59
C HIS B 251 0.52 36.73 -8.68
N ARG B 252 -0.79 36.58 -8.73
CA ARG B 252 -1.61 37.46 -7.94
C ARG B 252 -2.76 36.73 -7.28
N GLN B 253 -3.12 37.17 -6.07
CA GLN B 253 -4.18 36.52 -5.31
C GLN B 253 -5.30 37.46 -5.04
N GLU B 254 -6.49 37.02 -5.37
CA GLU B 254 -7.71 37.73 -4.97
C GLU B 254 -7.70 37.86 -3.46
N HIS B 255 -7.93 39.07 -2.93
CA HIS B 255 -7.89 39.22 -1.49
CA HIS B 255 -7.94 39.28 -1.47
C HIS B 255 -8.98 38.39 -0.81
N PRO B 256 -8.58 37.62 0.23
CA PRO B 256 -9.48 36.73 0.96
C PRO B 256 -10.38 37.45 1.99
N HIS B 257 -11.63 37.03 2.06
CA HIS B 257 -12.57 37.46 3.12
C HIS B 257 -12.18 36.84 4.47
N ARG B 258 -12.77 37.37 5.56
CA ARG B 258 -12.87 36.67 6.86
C ARG B 258 -13.28 35.23 6.63
N VAL B 259 -12.56 34.31 7.27
CA VAL B 259 -12.94 32.90 7.30
C VAL B 259 -14.39 32.77 7.85
N PRO B 260 -15.25 32.04 7.14
CA PRO B 260 -16.59 31.92 7.74
C PRO B 260 -16.57 31.08 9.03
N VAL B 261 -17.48 31.45 9.92
CA VAL B 261 -17.47 30.91 11.24
C VAL B 261 -17.53 29.37 11.29
N HIS B 262 -18.42 28.76 10.51
CA HIS B 262 -18.56 27.29 10.54
C HIS B 262 -17.30 26.58 10.09
N ILE B 263 -16.42 27.27 9.39
CA ILE B 263 -15.16 26.66 8.99
C ILE B 263 -14.10 26.86 10.07
N ALA B 264 -13.97 28.06 10.61
CA ALA B 264 -12.99 28.32 11.66
C ALA B 264 -13.24 27.43 12.88
N GLU B 265 -14.51 27.10 13.15
CA GLU B 265 -14.89 26.25 14.29
C GLU B 265 -14.89 24.74 13.99
N ARG B 266 -14.44 24.39 12.78
CA ARG B 266 -14.46 23.01 12.27
C ARG B 266 -13.49 22.10 13.04
N VAL B 267 -14.00 20.88 13.24
CA VAL B 267 -13.44 19.77 14.05
C VAL B 267 -11.87 19.56 14.02
N GLY B 268 -11.34 18.98 12.93
CA GLY B 268 -9.87 18.97 12.66
C GLY B 268 -9.21 17.60 12.39
N TYR B 269 -8.88 16.87 13.45
CA TYR B 269 -8.44 15.48 13.43
C TYR B 269 -8.58 15.00 14.86
N ASP B 270 -8.56 13.69 15.10
CA ASP B 270 -8.79 13.16 16.42
C ASP B 270 -7.49 13.14 17.17
N VAL B 271 -7.33 14.08 18.08
CA VAL B 271 -6.11 14.23 18.86
C VAL B 271 -5.76 12.96 19.64
N GLU B 272 -6.75 12.36 20.30
CA GLU B 272 -6.45 11.19 21.13
C GLU B 272 -5.87 10.11 20.24
N ALA B 273 -6.57 9.81 19.15
CA ALA B 273 -6.15 8.76 18.25
C ALA B 273 -4.77 9.06 17.70
N THR B 274 -4.49 10.35 17.50
CA THR B 274 -3.26 10.75 16.87
C THR B 274 -2.11 10.54 17.83
N LEU B 275 -2.33 10.91 19.08
CA LEU B 275 -1.35 10.64 20.12
C LEU B 275 -1.12 9.14 20.25
N HIS B 276 -2.19 8.38 20.16
CA HIS B 276 -2.08 6.96 20.34
C HIS B 276 -1.23 6.36 19.19
N ARG B 277 -1.55 6.77 17.96
CA ARG B 277 -0.86 6.25 16.79
C ARG B 277 0.64 6.52 16.88
N LEU B 278 1.01 7.56 17.61
CA LEU B 278 2.41 7.91 17.71
C LEU B 278 3.22 6.80 18.40
N MET B 279 2.55 5.95 19.17
CA MET B 279 3.26 4.95 19.97
C MET B 279 3.32 3.53 19.33
N GLN B 280 2.86 3.43 18.09
CA GLN B 280 2.62 2.17 17.43
C GLN B 280 3.44 2.10 16.15
N HIS B 281 3.46 0.92 15.55
CA HIS B 281 4.24 0.64 14.34
C HIS B 281 5.73 0.94 14.45
N TRP B 282 6.31 0.83 15.65
CA TRP B 282 7.75 1.02 15.77
C TRP B 282 8.54 -0.20 15.31
N THR B 283 9.80 -0.02 14.93
CA THR B 283 10.67 -1.15 14.62
C THR B 283 12.05 -0.75 15.09
N PRO B 284 12.90 -1.73 15.45
CA PRO B 284 14.27 -1.39 15.83
C PRO B 284 14.99 -0.60 14.74
N ARG B 285 14.70 -0.89 13.48
CA ARG B 285 15.37 -0.17 12.42
C ARG B 285 15.01 1.31 12.48
N GLN B 286 13.76 1.62 12.81
CA GLN B 286 13.36 3.01 12.99
C GLN B 286 14.19 3.68 14.08
N VAL B 287 14.17 3.10 15.28
CA VAL B 287 15.03 3.56 16.33
C VAL B 287 16.46 3.82 15.83
N GLU B 288 16.96 3.03 14.88
CA GLU B 288 18.36 3.17 14.45
C GLU B 288 18.51 4.35 13.52
N LEU B 289 17.53 4.46 12.65
CA LEU B 289 17.47 5.49 11.68
C LEU B 289 17.44 6.92 12.29
N LEU B 290 16.81 7.10 13.45
CA LEU B 290 16.83 8.40 14.12
C LEU B 290 18.24 8.90 14.47
N GLU B 291 19.19 7.99 14.43
CA GLU B 291 20.56 8.32 14.77
C GLU B 291 21.01 9.40 13.79
N LEU B 292 20.35 9.46 12.64
CA LEU B 292 20.66 10.40 11.58
C LEU B 292 20.18 11.82 11.84
N PHE B 293 19.37 12.00 12.88
CA PHE B 293 18.75 13.28 13.12
C PHE B 293 19.45 13.98 14.29
N THR B 294 19.00 15.18 14.61
CA THR B 294 19.65 16.00 15.64
C THR B 294 19.26 15.43 16.98
N THR B 295 20.16 15.53 17.94
CA THR B 295 19.87 15.02 19.27
C THR B 295 18.44 15.31 19.77
N PRO B 296 17.95 16.58 19.71
CA PRO B 296 16.58 16.81 20.29
C PRO B 296 15.45 16.03 19.60
N VAL B 297 15.48 15.94 18.27
CA VAL B 297 14.49 15.20 17.51
C VAL B 297 14.64 13.69 17.74
N ARG B 298 15.88 13.25 17.82
CA ARG B 298 16.20 11.87 18.11
C ARG B 298 15.58 11.44 19.45
N GLU B 299 15.98 12.09 20.53
CA GLU B 299 15.47 11.67 21.83
CA GLU B 299 15.49 11.80 21.89
C GLU B 299 13.98 11.99 21.94
N GLY B 300 13.52 13.01 21.21
CA GLY B 300 12.11 13.33 21.15
C GLY B 300 11.26 12.22 20.62
N LEU B 301 11.60 11.73 19.43
CA LEU B 301 10.76 10.76 18.77
C LEU B 301 10.87 9.44 19.49
N ARG B 302 12.06 9.13 19.98
CA ARG B 302 12.25 7.92 20.77
C ARG B 302 11.35 7.87 22.00
N THR B 303 11.15 9.01 22.63
CA THR B 303 10.33 9.08 23.80
C THR B 303 8.96 8.60 23.45
N CYS B 304 8.56 8.76 22.19
CA CYS B 304 7.22 8.39 21.77
C CYS B 304 6.93 6.90 21.82
N GLN B 305 7.91 6.08 22.19
CA GLN B 305 7.61 4.66 22.29
C GLN B 305 6.87 4.41 23.59
N ARG B 306 7.18 5.23 24.59
CA ARG B 306 6.66 5.11 25.93
C ARG B 306 5.54 6.09 26.22
N ARG B 307 5.64 7.30 25.69
CA ARG B 307 4.56 8.28 25.83
C ARG B 307 4.67 9.35 24.78
N PRO B 308 3.54 9.98 24.41
CA PRO B 308 3.52 10.99 23.33
C PRO B 308 4.42 12.21 23.65
N ALA B 309 5.31 12.58 22.73
CA ALA B 309 6.13 13.76 22.92
C ALA B 309 6.10 14.60 21.67
N PHE B 310 5.98 15.92 21.80
CA PHE B 310 5.99 16.80 20.60
C PHE B 310 6.49 18.22 20.88
N ASN B 311 6.61 18.61 22.16
CA ASN B 311 7.11 19.95 22.44
C ASN B 311 8.42 20.22 21.71
N PHE B 312 9.27 19.21 21.55
CA PHE B 312 10.56 19.40 20.90
C PHE B 312 10.44 19.80 19.42
N MET B 313 9.33 19.44 18.78
CA MET B 313 9.22 19.64 17.35
C MET B 313 8.73 21.05 17.02
N ASP B 314 9.52 22.02 17.44
CA ASP B 314 9.29 23.43 17.07
C ASP B 314 9.84 23.73 15.68
N GLU B 315 9.65 24.96 15.24
CA GLU B 315 9.91 25.37 13.89
C GLU B 315 11.33 25.06 13.46
N MET B 316 12.28 25.36 14.33
CA MET B 316 13.67 25.14 14.02
C MET B 316 13.95 23.68 13.85
N ALA B 317 13.57 22.91 14.86
CA ALA B 317 13.69 21.48 14.80
C ALA B 317 13.05 20.89 13.51
N TRP B 318 11.86 21.35 13.14
CA TRP B 318 11.23 20.82 11.96
C TRP B 318 12.10 21.06 10.73
N ALA B 319 12.59 22.28 10.58
CA ALA B 319 13.46 22.63 9.48
C ALA B 319 14.68 21.71 9.46
N ALA B 320 15.28 21.46 10.60
CA ALA B 320 16.43 20.58 10.62
C ALA B 320 16.02 19.17 10.18
N THR B 321 14.90 18.70 10.72
CA THR B 321 14.38 17.40 10.39
C THR B 321 14.09 17.32 8.88
N TYR B 322 13.50 18.37 8.33
CA TYR B 322 13.21 18.42 6.91
C TYR B 322 14.44 18.21 6.03
N HIS B 323 15.57 18.82 6.43
CA HIS B 323 16.84 18.66 5.70
C HIS B 323 17.33 17.23 5.72
N VAL B 324 17.30 16.63 6.90
CA VAL B 324 17.71 15.27 7.06
C VAL B 324 16.82 14.36 6.20
N LEU B 325 15.52 14.66 6.11
CA LEU B 325 14.64 13.78 5.39
C LEU B 325 14.92 13.94 3.94
N LEU B 326 15.18 15.17 3.50
CA LEU B 326 15.44 15.44 2.09
C LEU B 326 16.61 14.61 1.62
N GLU B 327 17.63 14.52 2.47
CA GLU B 327 18.86 13.80 2.14
C GLU B 327 18.74 12.29 2.28
N HIS B 328 18.21 11.80 3.40
CA HIS B 328 18.25 10.37 3.69
C HIS B 328 16.97 9.53 3.53
N PHE B 329 15.82 10.16 3.28
CA PHE B 329 14.54 9.47 3.24
C PHE B 329 14.51 8.63 2.00
N GLN B 330 14.04 7.39 2.09
CA GLN B 330 13.95 6.51 0.89
C GLN B 330 12.51 6.28 0.49
N PRO B 331 12.08 6.89 -0.61
CA PRO B 331 10.69 6.62 -0.96
C PRO B 331 10.48 5.12 -1.10
N GLY B 332 9.33 4.62 -0.68
CA GLY B 332 9.00 3.20 -0.78
C GLY B 332 9.52 2.40 0.40
N ASP B 333 10.51 2.89 1.14
CA ASP B 333 11.01 2.15 2.34
C ASP B 333 10.10 2.36 3.58
N PRO B 334 9.36 1.32 3.99
CA PRO B 334 8.42 1.40 5.12
C PRO B 334 8.95 2.02 6.42
N ASP B 335 10.19 1.75 6.78
CA ASP B 335 10.76 2.38 7.96
C ASP B 335 10.87 3.89 7.75
N TRP B 336 11.37 4.30 6.59
CA TRP B 336 11.43 5.72 6.25
C TRP B 336 10.04 6.36 6.17
N GLU B 337 9.08 5.67 5.58
CA GLU B 337 7.76 6.26 5.46
C GLU B 337 7.18 6.38 6.86
N GLU B 338 7.49 5.44 7.74
CA GLU B 338 6.90 5.51 9.07
C GLU B 338 7.51 6.65 9.89
N LEU B 339 8.82 6.78 9.81
CA LEU B 339 9.51 7.86 10.45
C LEU B 339 8.95 9.24 10.04
N LEU B 340 8.75 9.42 8.74
CA LEU B 340 8.23 10.66 8.21
C LEU B 340 6.88 10.92 8.80
N PHE B 341 6.10 9.86 8.91
CA PHE B 341 4.77 9.99 9.41
C PHE B 341 4.71 10.48 10.87
N LYS B 342 5.65 10.01 11.68
CA LYS B 342 5.61 10.23 13.10
C LYS B 342 6.26 11.57 13.41
N LEU B 343 7.31 11.85 12.65
CA LEU B 343 7.96 13.13 12.69
C LEU B 343 6.93 14.25 12.34
N TRP B 344 6.25 14.09 11.22
CA TRP B 344 5.28 15.05 10.82
C TRP B 344 4.14 15.11 11.83
N THR B 345 3.74 13.94 12.34
CA THR B 345 2.74 13.89 13.39
C THR B 345 3.17 14.78 14.55
N THR B 346 4.40 14.66 15.02
CA THR B 346 4.82 15.47 16.14
C THR B 346 4.76 16.95 15.77
N ARG B 347 5.25 17.28 14.58
CA ARG B 347 5.14 18.63 14.09
C ARG B 347 3.69 19.11 14.13
N VAL B 348 2.76 18.30 13.68
CA VAL B 348 1.40 18.76 13.68
C VAL B 348 0.90 19.00 15.11
N LEU B 349 1.30 18.14 16.05
CA LEU B 349 0.79 18.27 17.39
C LEU B 349 1.41 19.49 18.00
N ASN B 350 2.69 19.71 17.74
CA ASN B 350 3.34 20.85 18.31
C ASN B 350 2.58 22.13 17.92
N TYR B 351 2.35 22.28 16.61
CA TYR B 351 1.64 23.42 16.08
C TYR B 351 0.26 23.51 16.71
N THR B 352 -0.38 22.37 16.93
CA THR B 352 -1.75 22.39 17.42
C THR B 352 -1.83 22.91 18.85
N MET B 353 -0.92 22.49 19.71
CA MET B 353 -1.01 22.76 21.10
C MET B 353 -0.30 24.06 21.42
N THR B 354 0.73 24.42 20.67
CA THR B 354 1.41 25.65 21.05
C THR B 354 0.99 26.82 20.20
N VAL B 355 0.36 26.58 19.06
CA VAL B 355 -0.03 27.68 18.17
C VAL B 355 -1.54 27.73 17.93
N ALA B 356 -2.10 26.69 17.34
CA ALA B 356 -3.53 26.69 16.99
C ALA B 356 -4.46 26.94 18.17
N LEU B 357 -4.07 26.43 19.34
CA LEU B 357 -4.84 26.57 20.55
C LEU B 357 -4.86 28.05 20.96
N ARG B 358 -3.88 28.81 20.51
CA ARG B 358 -3.88 30.23 20.79
C ARG B 358 -4.89 31.00 19.94
N GLY B 359 -5.56 30.36 18.99
CA GLY B 359 -6.64 31.03 18.29
C GLY B 359 -6.45 31.20 16.79
N TYR B 360 -7.55 31.34 16.08
CA TYR B 360 -7.53 31.37 14.64
C TYR B 360 -6.47 32.35 14.02
N ASP B 361 -6.51 33.62 14.41
CA ASP B 361 -5.69 34.63 13.81
C ASP B 361 -4.27 34.38 14.20
N TYR B 362 -4.05 34.03 15.45
CA TYR B 362 -2.69 33.84 15.90
C TYR B 362 -2.07 32.73 15.07
N ALA B 363 -2.86 31.70 14.76
CA ALA B 363 -2.36 30.55 14.02
C ALA B 363 -2.05 30.92 12.59
N GLN B 364 -3.05 31.44 11.87
CA GLN B 364 -2.87 31.98 10.54
C GLN B 364 -1.61 32.87 10.42
N GLN B 365 -1.44 33.81 11.35
CA GLN B 365 -0.30 34.73 11.29
C GLN B 365 1.00 33.97 11.49
N TYR B 366 1.02 33.08 12.47
CA TYR B 366 2.15 32.21 12.68
C TYR B 366 2.62 31.48 11.40
N LEU B 367 1.68 30.89 10.66
CA LEU B 367 2.03 30.09 9.52
C LEU B 367 2.72 30.94 8.46
N TYR B 368 2.16 32.10 8.15
CA TYR B 368 2.81 32.96 7.17
C TYR B 368 4.20 33.40 7.63
N ARG B 369 4.37 33.67 8.92
CA ARG B 369 5.66 34.15 9.39
C ARG B 369 6.67 33.02 9.36
N MET B 370 6.14 31.81 9.55
CA MET B 370 6.92 30.59 9.52
C MET B 370 7.56 30.46 8.15
N LEU B 371 6.72 30.49 7.10
CA LEU B 371 7.24 30.54 5.74
C LEU B 371 8.30 31.66 5.59
N GLY B 372 7.99 32.87 6.10
CA GLY B 372 8.92 33.98 6.02
C GLY B 372 10.26 33.67 6.65
N ARG B 373 10.26 33.04 7.83
CA ARG B 373 11.51 32.88 8.56
C ARG B 373 12.37 31.85 7.85
N TYR B 374 11.70 30.84 7.27
CA TYR B 374 12.35 29.75 6.58
C TYR B 374 12.99 30.33 5.34
N ARG B 375 12.21 31.12 4.60
CA ARG B 375 12.74 31.79 3.43
C ARG B 375 14.01 32.54 3.77
N TYR B 376 14.00 33.36 4.83
CA TYR B 376 15.20 34.15 5.17
C TYR B 376 16.35 33.23 5.50
N GLN B 377 16.05 32.21 6.27
CA GLN B 377 17.06 31.29 6.77
C GLN B 377 17.71 30.54 5.59
N ALA B 378 16.94 30.22 4.54
CA ALA B 378 17.46 29.54 3.37
C ALA B 378 18.28 30.44 2.46
N ALA B 379 17.91 31.71 2.38
CA ALA B 379 18.64 32.65 1.55
C ALA B 379 20.04 32.91 2.10
N LEU B 380 20.18 33.01 3.42
CA LEU B 380 21.49 33.15 4.10
C LEU B 380 22.39 31.91 3.96
N GLU B 381 21.77 30.74 3.82
CA GLU B 381 22.44 29.41 3.77
C GLU B 381 23.76 29.27 4.59
#